data_8WCG
#
_entry.id   8WCG
#
_cell.length_a   76.852
_cell.length_b   134.679
_cell.length_c   136.688
_cell.angle_alpha   90.00
_cell.angle_beta   90.00
_cell.angle_gamma   90.00
#
_symmetry.space_group_name_H-M   'P 21 21 21'
#
loop_
_entity.id
_entity.type
_entity.pdbx_description
1 polymer 'Spike protein S1'
2 polymer 'aSR29 nanobody'
3 polymer 'aSR347 nanobody'
4 non-polymer 2-acetamido-2-deoxy-beta-D-glucopyranose
5 water water
#
loop_
_entity_poly.entity_id
_entity_poly.type
_entity_poly.pdbx_seq_one_letter_code
_entity_poly.pdbx_strand_id
1 'polypeptide(L)'
;TNLCPFGEVFNATKFPSVYAWERKKISNCVADYSVLYNSTFFSTFKCYGVSATKLNDLCFSNVYADSFVVKGDDVRQIAP
GQTGVIADYNYKLPDDFMGCVLAWNTRNIDATSTGNHNYKYRYLRHGKLRPFERDISNVPFSPDGKPCTPPALNCYWPLN
DYGFYTTTGIGYQPYRVVVLSFELLNAPATVCGPKLS
;
A,B
2 'polypeptide(L)'
;QVQLVESGGGLVQAGGSLRLSCTAPGRTLKNFALGWFRQIPGKEREFVAAITFNADSSYYSDTVKGRFTISRDNAKNTVY
LQMNSLKPEDTAVYYCVAGGNHYDSARYFSEREWDYLGRGTQVTVSS
;
C,D
3 'polypeptide(L)'
;QVQLVESGGDLVQPGGSLKLSCVASEGFLAYYYVGWFRQAPGKEREGVACTSSSGYSTDIADPAKGRFSIDRDNAKNTVY
LQMNILKPEDTAVYFCAAIDQMTAVRSQGPCSMTPNDYHDWGQGTQVTVSS
;
b,E
#
# COMPACT_ATOMS: atom_id res chain seq x y z
N THR A 1 -9.47 -44.71 5.05
CA THR A 1 -10.79 -45.33 5.09
C THR A 1 -11.85 -44.36 5.60
N ASN A 2 -11.44 -43.47 6.50
CA ASN A 2 -12.34 -42.50 7.09
C ASN A 2 -12.44 -41.25 6.23
N LEU A 3 -13.53 -40.51 6.43
CA LEU A 3 -13.69 -39.20 5.80
C LEU A 3 -12.90 -38.16 6.58
N CYS A 4 -12.27 -37.24 5.85
CA CYS A 4 -11.43 -36.24 6.49
C CYS A 4 -12.29 -35.24 7.25
N PRO A 5 -11.98 -34.96 8.52
CA PRO A 5 -12.88 -34.12 9.34
C PRO A 5 -12.86 -32.66 8.93
N PHE A 6 -13.38 -32.36 7.74
CA PHE A 6 -13.43 -30.96 7.30
C PHE A 6 -14.52 -30.19 8.02
N GLY A 7 -15.63 -30.85 8.38
CA GLY A 7 -16.66 -30.19 9.14
C GLY A 7 -16.24 -29.78 10.53
N GLU A 8 -15.21 -30.42 11.08
CA GLU A 8 -14.72 -30.07 12.40
C GLU A 8 -13.93 -28.77 12.41
N VAL A 9 -13.35 -28.37 11.28
CA VAL A 9 -12.58 -27.14 11.20
C VAL A 9 -13.40 -26.01 10.61
N PHE A 10 -14.26 -26.29 9.63
CA PHE A 10 -15.01 -25.23 8.97
C PHE A 10 -16.22 -24.80 9.78
N ASN A 11 -16.82 -25.71 10.55
CA ASN A 11 -18.00 -25.40 11.34
C ASN A 11 -17.75 -25.55 12.84
N ALA A 12 -16.48 -25.52 13.26
CA ALA A 12 -16.19 -25.41 14.68
C ALA A 12 -16.86 -24.17 15.25
N THR A 13 -17.38 -24.29 16.48
CA THR A 13 -18.18 -23.21 17.05
C THR A 13 -17.33 -21.97 17.28
N LYS A 14 -16.12 -22.12 17.79
CA LYS A 14 -15.24 -21.00 18.10
C LYS A 14 -14.04 -21.00 17.16
N PHE A 15 -13.54 -19.79 16.87
CA PHE A 15 -12.39 -19.59 16.01
C PHE A 15 -11.35 -18.74 16.72
N PRO A 16 -10.07 -19.00 16.48
CA PRO A 16 -9.02 -18.24 17.17
C PRO A 16 -8.71 -16.91 16.48
N SER A 17 -7.98 -16.07 17.19
CA SER A 17 -7.53 -14.80 16.63
C SER A 17 -6.39 -15.02 15.65
N VAL A 18 -6.16 -14.00 14.81
CA VAL A 18 -5.22 -14.16 13.71
C VAL A 18 -3.79 -14.25 14.23
N TYR A 19 -3.45 -13.47 15.26
CA TYR A 19 -2.10 -13.53 15.78
C TYR A 19 -1.78 -14.88 16.41
N ALA A 20 -2.81 -15.57 16.91
CA ALA A 20 -2.63 -16.90 17.47
C ALA A 20 -3.40 -17.92 16.64
N TRP A 21 -3.23 -17.88 15.32
CA TRP A 21 -3.90 -18.81 14.42
C TRP A 21 -3.55 -20.24 14.77
N GLU A 22 -4.51 -21.15 14.56
CA GLU A 22 -4.37 -22.54 14.93
C GLU A 22 -4.33 -23.42 13.68
N ARG A 23 -3.52 -24.46 13.74
CA ARG A 23 -3.32 -25.38 12.62
C ARG A 23 -3.75 -26.78 13.04
N LYS A 24 -4.51 -27.45 12.16
CA LYS A 24 -4.90 -28.84 12.37
C LYS A 24 -4.35 -29.69 11.24
N LYS A 25 -3.70 -30.79 11.60
CA LYS A 25 -3.12 -31.71 10.62
C LYS A 25 -4.18 -32.71 10.18
N ILE A 26 -4.44 -32.76 8.88
CA ILE A 26 -5.38 -33.71 8.30
C ILE A 26 -4.58 -34.83 7.68
N SER A 27 -4.82 -36.07 8.13
CA SER A 27 -4.04 -37.20 7.68
C SER A 27 -4.87 -38.47 7.76
N ASN A 28 -4.45 -39.48 6.99
CA ASN A 28 -4.99 -40.83 7.04
C ASN A 28 -6.52 -40.83 6.90
N CYS A 29 -6.99 -40.21 5.82
CA CYS A 29 -8.43 -40.13 5.57
C CYS A 29 -8.66 -39.89 4.09
N VAL A 30 -9.93 -39.87 3.71
CA VAL A 30 -10.36 -39.63 2.33
C VAL A 30 -11.05 -38.27 2.29
N ALA A 31 -10.58 -37.39 1.41
CA ALA A 31 -11.04 -36.01 1.34
C ALA A 31 -11.90 -35.83 0.09
N ASP A 32 -13.20 -35.68 0.29
CA ASP A 32 -14.14 -35.35 -0.78
C ASP A 32 -14.32 -33.84 -0.77
N TYR A 33 -13.45 -33.14 -1.50
CA TYR A 33 -13.40 -31.68 -1.45
C TYR A 33 -14.67 -31.02 -2.00
N SER A 34 -15.61 -31.79 -2.55
CA SER A 34 -16.87 -31.21 -2.99
C SER A 34 -17.73 -30.75 -1.82
N VAL A 35 -17.42 -31.17 -0.60
CA VAL A 35 -18.11 -30.64 0.56
C VAL A 35 -17.86 -29.15 0.69
N LEU A 36 -16.70 -28.69 0.20
CA LEU A 36 -16.35 -27.27 0.26
C LEU A 36 -16.91 -26.50 -0.93
N TYR A 37 -16.52 -26.88 -2.16
CA TYR A 37 -16.92 -26.11 -3.32
C TYR A 37 -18.34 -26.38 -3.80
N ASN A 38 -19.13 -27.13 -3.04
CA ASN A 38 -20.57 -27.12 -3.22
C ASN A 38 -21.25 -26.09 -2.33
N SER A 39 -20.55 -25.57 -1.33
CA SER A 39 -21.12 -24.57 -0.43
C SER A 39 -21.24 -23.23 -1.12
N THR A 40 -22.24 -22.45 -0.68
CA THR A 40 -22.58 -21.20 -1.32
C THR A 40 -22.12 -19.96 -0.56
N PHE A 41 -21.73 -20.10 0.71
CA PHE A 41 -21.43 -18.95 1.55
C PHE A 41 -19.97 -18.50 1.47
N PHE A 42 -19.10 -19.27 0.84
CA PHE A 42 -17.68 -18.92 0.77
C PHE A 42 -17.51 -17.64 -0.04
N SER A 43 -17.08 -16.57 0.62
CA SER A 43 -16.90 -15.28 -0.05
C SER A 43 -15.61 -15.25 -0.88
N THR A 44 -14.57 -15.95 -0.43
CA THR A 44 -13.36 -16.15 -1.22
C THR A 44 -13.03 -17.63 -1.23
N PHE A 45 -12.86 -18.18 -2.44
CA PHE A 45 -12.47 -19.57 -2.65
C PHE A 45 -11.45 -19.56 -3.78
N LYS A 46 -10.20 -19.27 -3.44
CA LYS A 46 -9.11 -19.21 -4.40
C LYS A 46 -8.02 -20.18 -3.99
N CYS A 47 -7.36 -20.77 -4.98
CA CYS A 47 -6.28 -21.71 -4.73
C CYS A 47 -5.03 -21.24 -5.47
N TYR A 48 -3.88 -21.73 -5.00
CA TYR A 48 -2.58 -21.37 -5.55
C TYR A 48 -1.81 -22.64 -5.87
N GLY A 49 -1.33 -22.74 -7.12
CA GLY A 49 -0.60 -23.92 -7.53
C GLY A 49 -1.44 -25.17 -7.70
N VAL A 50 -2.77 -25.04 -7.70
CA VAL A 50 -3.67 -26.17 -7.89
C VAL A 50 -5.07 -25.60 -8.14
N SER A 51 -5.88 -26.31 -8.92
CA SER A 51 -7.26 -25.93 -9.16
C SER A 51 -8.18 -26.68 -8.21
N ALA A 52 -9.17 -25.98 -7.67
CA ALA A 52 -10.06 -26.59 -6.68
C ALA A 52 -10.94 -27.67 -7.30
N THR A 53 -11.33 -27.51 -8.57
CA THR A 53 -12.18 -28.50 -9.21
C THR A 53 -11.47 -29.82 -9.44
N LYS A 54 -10.13 -29.82 -9.47
CA LYS A 54 -9.35 -31.04 -9.64
C LYS A 54 -8.81 -31.59 -8.33
N LEU A 55 -9.29 -31.08 -7.19
CA LEU A 55 -8.78 -31.53 -5.90
C LEU A 55 -9.21 -32.96 -5.60
N ASN A 56 -10.40 -33.37 -6.06
CA ASN A 56 -10.86 -34.73 -5.85
C ASN A 56 -10.06 -35.77 -6.62
N ASP A 57 -9.26 -35.36 -7.60
CA ASP A 57 -8.45 -36.26 -8.40
C ASP A 57 -7.03 -36.44 -7.86
N LEU A 58 -6.66 -35.73 -6.80
CA LEU A 58 -5.28 -35.65 -6.35
C LEU A 58 -5.09 -36.43 -5.05
N CYS A 59 -3.81 -36.70 -4.74
CA CYS A 59 -3.40 -37.32 -3.49
C CYS A 59 -2.24 -36.53 -2.92
N PHE A 60 -2.28 -36.30 -1.61
CA PHE A 60 -1.24 -35.54 -0.93
C PHE A 60 -0.70 -36.34 0.24
N SER A 61 0.52 -36.00 0.65
CA SER A 61 1.10 -36.61 1.85
C SER A 61 0.31 -36.21 3.08
N ASN A 62 0.07 -34.92 3.26
CA ASN A 62 -0.72 -34.41 4.36
C ASN A 62 -1.53 -33.21 3.88
N VAL A 63 -2.47 -32.79 4.72
CA VAL A 63 -3.23 -31.57 4.49
C VAL A 63 -3.27 -30.80 5.81
N TYR A 64 -2.98 -29.50 5.75
CA TYR A 64 -2.97 -28.65 6.93
C TYR A 64 -4.01 -27.55 6.77
N ALA A 65 -4.72 -27.28 7.86
CA ALA A 65 -5.80 -26.30 7.87
C ALA A 65 -5.53 -25.29 8.98
N ASP A 66 -5.43 -24.03 8.61
CA ASP A 66 -5.25 -22.93 9.55
C ASP A 66 -6.56 -22.15 9.68
N SER A 67 -6.89 -21.75 10.89
CA SER A 67 -8.15 -21.06 11.17
C SER A 67 -7.87 -19.76 11.92
N PHE A 68 -8.61 -18.71 11.56
CA PHE A 68 -8.55 -17.42 12.24
C PHE A 68 -9.68 -16.55 11.71
N VAL A 69 -9.83 -15.37 12.30
CA VAL A 69 -10.88 -14.42 11.94
C VAL A 69 -10.25 -13.06 11.69
N VAL A 70 -10.39 -12.55 10.48
CA VAL A 70 -10.05 -11.17 10.15
C VAL A 70 -11.35 -10.41 9.89
N LYS A 71 -11.23 -9.09 9.78
CA LYS A 71 -12.33 -8.31 9.25
C LYS A 71 -12.30 -8.36 7.72
N GLY A 72 -13.41 -7.94 7.10
CA GLY A 72 -13.55 -8.09 5.66
C GLY A 72 -12.41 -7.48 4.88
N ASP A 73 -12.03 -6.25 5.22
CA ASP A 73 -10.97 -5.55 4.50
C ASP A 73 -9.60 -6.20 4.66
N ASP A 74 -9.46 -7.17 5.56
CA ASP A 74 -8.18 -7.83 5.79
C ASP A 74 -8.06 -9.18 5.10
N VAL A 75 -9.14 -9.69 4.50
CA VAL A 75 -9.06 -10.98 3.80
C VAL A 75 -8.06 -10.91 2.67
N ARG A 76 -7.94 -9.74 2.02
CA ARG A 76 -7.01 -9.58 0.90
C ARG A 76 -5.57 -9.87 1.30
N GLN A 77 -5.25 -9.72 2.59
CA GLN A 77 -3.88 -9.94 3.04
C GLN A 77 -3.53 -11.41 3.22
N ILE A 78 -4.51 -12.30 3.14
CA ILE A 78 -4.24 -13.75 3.22
C ILE A 78 -3.96 -14.20 1.79
N ALA A 79 -2.72 -13.94 1.34
CA ALA A 79 -2.30 -14.25 -0.02
C ALA A 79 -0.78 -14.27 -0.04
N PRO A 80 -0.17 -15.10 -0.90
CA PRO A 80 1.29 -15.17 -0.94
C PRO A 80 1.92 -13.84 -1.31
N GLY A 81 2.95 -13.45 -0.56
CA GLY A 81 3.72 -12.25 -0.84
C GLY A 81 3.05 -10.95 -0.50
N GLN A 82 1.88 -10.98 0.13
CA GLN A 82 1.13 -9.76 0.41
C GLN A 82 1.78 -8.98 1.55
N THR A 83 1.55 -7.67 1.55
CA THR A 83 2.02 -6.79 2.61
C THR A 83 0.84 -6.24 3.40
N GLY A 84 1.16 -5.68 4.56
CA GLY A 84 0.15 -5.21 5.49
C GLY A 84 0.41 -5.75 6.88
N VAL A 85 -0.40 -5.25 7.82
CA VAL A 85 -0.15 -5.57 9.23
C VAL A 85 -0.52 -7.01 9.55
N ILE A 86 -1.45 -7.60 8.79
CA ILE A 86 -1.80 -9.00 9.02
C ILE A 86 -0.78 -9.92 8.37
N ALA A 87 -0.41 -9.62 7.13
CA ALA A 87 0.52 -10.49 6.40
C ALA A 87 1.94 -10.41 6.94
N ASP A 88 2.29 -9.35 7.65
CA ASP A 88 3.66 -9.17 8.15
C ASP A 88 3.80 -9.51 9.63
N TYR A 89 2.81 -9.20 10.45
CA TYR A 89 2.91 -9.40 11.89
C TYR A 89 1.98 -10.47 12.43
N ASN A 90 1.24 -11.18 11.57
CA ASN A 90 0.27 -12.16 12.07
C ASN A 90 0.34 -13.49 11.31
N TYR A 91 -0.07 -13.49 10.05
CA TYR A 91 -0.13 -14.72 9.26
C TYR A 91 0.42 -14.43 7.86
N LYS A 92 1.52 -15.11 7.52
CA LYS A 92 2.19 -14.91 6.24
C LYS A 92 2.26 -16.22 5.48
N LEU A 93 1.97 -16.16 4.18
CA LEU A 93 2.10 -17.31 3.28
C LEU A 93 3.36 -17.18 2.44
N PRO A 94 4.05 -18.28 2.17
CA PRO A 94 5.20 -18.23 1.26
C PRO A 94 4.75 -17.97 -0.17
N ASP A 95 5.68 -17.50 -0.99
CA ASP A 95 5.32 -17.16 -2.35
C ASP A 95 5.06 -18.40 -3.21
N ASP A 96 5.69 -19.52 -2.88
CA ASP A 96 5.41 -20.79 -3.54
C ASP A 96 4.32 -21.58 -2.84
N PHE A 97 3.43 -20.90 -2.13
CA PHE A 97 2.36 -21.57 -1.40
C PHE A 97 1.46 -22.36 -2.34
N MET A 98 1.25 -23.63 -2.03
CA MET A 98 0.32 -24.47 -2.75
C MET A 98 -0.84 -24.82 -1.82
N GLY A 99 -2.00 -24.24 -2.08
CA GLY A 99 -3.17 -24.54 -1.27
C GLY A 99 -4.32 -23.65 -1.69
N CYS A 100 -5.28 -23.48 -0.77
CA CYS A 100 -6.45 -22.66 -1.03
C CYS A 100 -6.73 -21.78 0.17
N VAL A 101 -7.26 -20.59 -0.11
CA VAL A 101 -7.72 -19.67 0.92
C VAL A 101 -9.24 -19.63 0.87
N LEU A 102 -9.88 -19.84 2.01
CA LEU A 102 -11.32 -19.85 2.11
C LEU A 102 -11.77 -18.87 3.19
N ALA A 103 -12.80 -18.09 2.87
CA ALA A 103 -13.29 -17.08 3.79
C ALA A 103 -14.77 -16.86 3.54
N TRP A 104 -15.54 -16.70 4.62
CA TRP A 104 -16.96 -16.44 4.53
C TRP A 104 -17.37 -15.46 5.62
N ASN A 105 -18.38 -14.65 5.32
CA ASN A 105 -18.85 -13.65 6.27
C ASN A 105 -19.54 -14.32 7.44
N THR A 106 -19.22 -13.83 8.64
CA THR A 106 -19.82 -14.35 9.88
C THR A 106 -20.19 -13.15 10.75
N ARG A 107 -21.32 -12.51 10.42
CA ARG A 107 -21.82 -11.41 11.23
C ARG A 107 -22.96 -11.83 12.15
N ASN A 108 -23.68 -12.91 11.83
CA ASN A 108 -24.67 -13.44 12.76
C ASN A 108 -24.00 -14.03 14.00
N ILE A 109 -22.86 -14.68 13.80
CA ILE A 109 -21.98 -15.03 14.90
C ILE A 109 -20.83 -14.02 14.89
N ASP A 110 -20.09 -13.96 15.99
CA ASP A 110 -18.89 -13.14 16.12
C ASP A 110 -19.14 -11.63 16.06
N ALA A 111 -20.37 -11.19 15.76
CA ALA A 111 -20.67 -9.77 15.69
C ALA A 111 -21.90 -9.47 16.54
N THR A 112 -21.82 -8.39 17.32
CA THR A 112 -22.85 -8.05 18.30
C THR A 112 -23.23 -6.59 18.16
N SER A 113 -24.47 -6.27 18.53
CA SER A 113 -24.88 -4.86 18.62
C SER A 113 -24.04 -4.13 19.66
N THR A 114 -23.72 -4.79 20.78
CA THR A 114 -22.80 -4.22 21.76
C THR A 114 -21.40 -4.07 21.18
N GLY A 115 -21.01 -4.97 20.28
CA GLY A 115 -19.68 -4.94 19.71
C GLY A 115 -18.78 -6.00 20.30
N ASN A 116 -18.38 -6.96 19.47
CA ASN A 116 -17.50 -8.04 19.89
C ASN A 116 -16.05 -7.59 19.69
N HIS A 117 -15.32 -7.43 20.79
CA HIS A 117 -13.93 -6.97 20.76
C HIS A 117 -12.96 -8.07 21.18
N ASN A 118 -13.39 -9.33 21.12
CA ASN A 118 -12.58 -10.43 21.61
C ASN A 118 -11.52 -10.90 20.61
N TYR A 119 -11.67 -10.56 19.33
CA TYR A 119 -10.71 -10.96 18.30
C TYR A 119 -9.61 -9.91 18.22
N LYS A 120 -8.36 -10.36 18.34
CA LYS A 120 -7.20 -9.48 18.38
C LYS A 120 -6.31 -9.70 17.16
N TYR A 121 -5.48 -8.69 16.89
CA TYR A 121 -4.42 -8.80 15.89
C TYR A 121 -3.23 -7.98 16.37
N ARG A 122 -2.04 -8.44 16.02
CA ARG A 122 -0.81 -7.73 16.36
C ARG A 122 -0.53 -6.65 15.33
N TYR A 123 -0.20 -5.45 15.80
CA TYR A 123 0.12 -4.34 14.92
C TYR A 123 1.49 -3.75 15.14
N LEU A 124 2.27 -4.28 16.10
CA LEU A 124 3.61 -3.80 16.35
C LEU A 124 4.53 -5.00 16.58
N ARG A 125 5.68 -4.99 15.92
CA ARG A 125 6.64 -6.08 16.04
C ARG A 125 7.98 -5.62 15.47
N HIS A 126 9.06 -6.20 15.97
CA HIS A 126 10.41 -5.94 15.45
C HIS A 126 10.70 -6.98 14.38
N GLY A 127 10.39 -6.64 13.14
CA GLY A 127 10.65 -7.53 12.03
C GLY A 127 9.41 -8.26 11.57
N LYS A 128 9.38 -8.59 10.28
CA LYS A 128 8.27 -9.34 9.72
C LYS A 128 8.32 -10.80 10.16
N LEU A 129 7.18 -11.47 10.07
CA LEU A 129 7.13 -12.89 10.34
C LEU A 129 7.63 -13.68 9.14
N ARG A 130 8.24 -14.83 9.41
CA ARG A 130 8.56 -15.75 8.36
C ARG A 130 7.30 -16.51 7.93
N PRO A 131 7.28 -17.07 6.73
CA PRO A 131 6.12 -17.87 6.30
C PRO A 131 5.76 -18.94 7.32
N PHE A 132 4.49 -18.97 7.72
CA PHE A 132 3.93 -19.94 8.65
C PHE A 132 4.52 -19.80 10.06
N GLU A 133 5.14 -18.67 10.37
CA GLU A 133 5.62 -18.44 11.73
C GLU A 133 4.50 -17.86 12.59
N ARG A 134 4.54 -18.18 13.88
CA ARG A 134 3.55 -17.72 14.84
C ARG A 134 4.21 -16.91 15.94
N ASP A 135 3.52 -15.85 16.38
CA ASP A 135 3.99 -15.00 17.46
C ASP A 135 2.81 -14.78 18.42
N ILE A 136 2.84 -15.47 19.56
CA ILE A 136 1.76 -15.40 20.53
C ILE A 136 2.12 -14.56 21.75
N SER A 137 3.30 -13.95 21.77
CA SER A 137 3.73 -13.17 22.92
C SER A 137 2.89 -11.91 23.07
N ASN A 138 2.85 -11.39 24.29
CA ASN A 138 2.14 -10.16 24.60
C ASN A 138 3.02 -9.30 25.52
N VAL A 139 4.16 -8.87 25.00
CA VAL A 139 5.13 -8.08 25.73
C VAL A 139 4.99 -6.62 25.30
N PRO A 140 5.02 -5.66 26.22
CA PRO A 140 4.92 -4.25 25.82
C PRO A 140 5.97 -3.88 24.79
N PHE A 141 5.56 -3.12 23.78
CA PHE A 141 6.40 -2.79 22.64
C PHE A 141 7.00 -1.40 22.81
N SER A 142 8.25 -1.25 22.36
CA SER A 142 8.93 0.02 22.35
C SER A 142 9.66 0.13 21.03
N PRO A 143 9.47 1.22 20.28
CA PRO A 143 10.30 1.42 19.08
C PRO A 143 11.78 1.40 19.38
N ASP A 144 12.17 1.82 20.59
CA ASP A 144 13.57 1.78 21.00
C ASP A 144 14.11 0.35 20.99
N GLY A 145 13.26 -0.64 21.28
CA GLY A 145 13.67 -2.02 21.35
C GLY A 145 13.96 -2.52 22.75
N LYS A 146 14.13 -1.62 23.71
CA LYS A 146 14.40 -1.98 25.09
C LYS A 146 13.10 -2.28 25.83
N PRO A 147 13.19 -2.98 26.95
CA PRO A 147 11.99 -3.25 27.75
C PRO A 147 11.36 -1.96 28.27
N CYS A 148 10.03 -1.93 28.27
CA CYS A 148 9.27 -0.82 28.80
C CYS A 148 7.97 -1.35 29.38
N THR A 149 7.37 -0.59 30.28
CA THR A 149 6.09 -0.96 30.85
C THR A 149 5.02 0.07 30.48
N PRO A 150 3.77 -0.36 30.31
CA PRO A 150 2.80 0.38 29.48
C PRO A 150 2.72 1.88 29.78
N PRO A 151 2.50 2.30 31.03
CA PRO A 151 2.16 3.72 31.26
C PRO A 151 3.18 4.70 30.72
N ALA A 152 4.43 4.31 30.53
CA ALA A 152 5.45 5.21 30.00
C ALA A 152 5.15 5.56 28.54
N LEU A 153 5.78 6.65 28.09
CA LEU A 153 5.62 7.10 26.71
C LEU A 153 6.54 6.29 25.80
N ASN A 154 6.14 6.18 24.52
CA ASN A 154 6.82 5.34 23.53
C ASN A 154 6.76 3.86 23.93
N CYS A 155 5.75 3.49 24.69
CA CYS A 155 5.50 2.10 25.09
C CYS A 155 4.07 1.76 24.75
N TYR A 156 3.87 0.65 24.03
CA TYR A 156 2.55 0.28 23.52
C TYR A 156 2.34 -1.22 23.63
N TRP A 157 1.12 -1.60 23.98
CA TRP A 157 0.75 -3.00 23.92
C TRP A 157 0.61 -3.42 22.45
N PRO A 158 1.29 -4.49 22.02
CA PRO A 158 1.37 -4.79 20.59
C PRO A 158 0.12 -5.42 19.99
N LEU A 159 -0.90 -5.72 20.79
CA LEU A 159 -2.10 -6.38 20.30
C LEU A 159 -3.25 -5.37 20.27
N ASN A 160 -3.87 -5.22 19.11
CA ASN A 160 -5.07 -4.40 18.96
C ASN A 160 -6.27 -5.30 18.70
N ASP A 161 -7.45 -4.82 19.09
CA ASP A 161 -8.67 -5.59 18.99
C ASP A 161 -9.49 -5.18 17.77
N TYR A 162 -10.24 -6.13 17.24
CA TYR A 162 -11.20 -5.84 16.18
C TYR A 162 -12.50 -5.32 16.78
N GLY A 163 -13.21 -4.49 16.00
CA GLY A 163 -14.50 -4.00 16.43
C GLY A 163 -15.63 -4.52 15.55
N PHE A 164 -16.20 -5.65 15.93
CA PHE A 164 -17.22 -6.32 15.12
C PHE A 164 -18.60 -5.93 15.65
N TYR A 165 -19.26 -5.03 14.92
CA TYR A 165 -20.59 -4.57 15.25
C TYR A 165 -21.56 -4.99 14.16
N THR A 166 -22.82 -5.21 14.54
CA THR A 166 -23.84 -5.66 13.61
C THR A 166 -24.37 -4.55 12.71
N THR A 167 -23.81 -3.35 12.79
CA THR A 167 -24.30 -2.21 12.02
C THR A 167 -23.33 -1.72 10.97
N THR A 168 -22.10 -2.25 10.94
CA THR A 168 -21.08 -1.76 10.02
C THR A 168 -21.28 -2.33 8.62
N GLY A 169 -20.49 -1.81 7.68
CA GLY A 169 -20.43 -2.39 6.35
C GLY A 169 -19.64 -3.67 6.34
N ILE A 170 -19.73 -4.41 5.22
CA ILE A 170 -19.11 -5.73 5.14
C ILE A 170 -17.59 -5.66 5.24
N GLY A 171 -17.00 -4.49 5.01
CA GLY A 171 -15.56 -4.35 5.19
C GLY A 171 -15.12 -4.46 6.64
N TYR A 172 -16.02 -4.17 7.58
CA TYR A 172 -15.71 -4.25 9.00
C TYR A 172 -16.36 -5.44 9.70
N GLN A 173 -17.27 -6.13 9.03
CA GLN A 173 -17.85 -7.34 9.60
C GLN A 173 -16.80 -8.44 9.66
N PRO A 174 -16.93 -9.37 10.59
CA PRO A 174 -15.92 -10.42 10.73
C PRO A 174 -16.08 -11.53 9.68
N TYR A 175 -14.94 -12.12 9.31
CA TYR A 175 -14.89 -13.21 8.35
C TYR A 175 -14.04 -14.32 8.94
N ARG A 176 -14.54 -15.54 8.90
CA ARG A 176 -13.76 -16.70 9.30
C ARG A 176 -12.99 -17.21 8.10
N VAL A 177 -11.71 -17.51 8.32
CA VAL A 177 -10.78 -17.86 7.26
C VAL A 177 -10.19 -19.24 7.53
N VAL A 178 -10.14 -20.07 6.49
CA VAL A 178 -9.50 -21.38 6.56
C VAL A 178 -8.50 -21.47 5.42
N VAL A 179 -7.23 -21.66 5.74
CA VAL A 179 -6.18 -21.81 4.75
C VAL A 179 -5.78 -23.28 4.70
N LEU A 180 -5.98 -23.91 3.54
CA LEU A 180 -5.64 -25.31 3.34
C LEU A 180 -4.28 -25.41 2.66
N SER A 181 -3.37 -26.17 3.25
CA SER A 181 -2.05 -26.42 2.70
C SER A 181 -1.93 -27.88 2.29
N PHE A 182 -1.46 -28.14 1.08
CA PHE A 182 -1.32 -29.49 0.54
C PHE A 182 0.15 -29.83 0.46
N GLU A 183 0.57 -30.82 1.24
CA GLU A 183 1.97 -31.21 1.37
C GLU A 183 2.28 -32.38 0.43
N LEU A 184 3.51 -32.36 -0.13
CA LEU A 184 3.97 -33.40 -1.05
C LEU A 184 5.41 -33.76 -0.67
N LEU A 185 5.54 -34.64 0.32
CA LEU A 185 6.83 -35.16 0.74
C LEU A 185 7.08 -36.52 0.08
N ASN A 186 8.34 -36.97 0.16
CA ASN A 186 8.69 -38.31 -0.31
C ASN A 186 8.28 -39.32 0.76
N ALA A 187 6.97 -39.54 0.83
CA ALA A 187 6.36 -40.39 1.83
C ALA A 187 5.00 -40.84 1.31
N PRO A 188 4.45 -41.93 1.84
CA PRO A 188 3.14 -42.40 1.37
C PRO A 188 2.07 -41.32 1.49
N ALA A 189 1.10 -41.38 0.58
CA ALA A 189 0.02 -40.40 0.56
C ALA A 189 -1.07 -40.83 1.52
N THR A 190 -1.41 -39.95 2.46
CA THR A 190 -2.40 -40.26 3.48
C THR A 190 -3.73 -39.53 3.31
N VAL A 191 -3.83 -38.60 2.37
CA VAL A 191 -5.07 -37.89 2.08
C VAL A 191 -5.28 -37.91 0.57
N CYS A 192 -6.30 -38.65 0.12
CA CYS A 192 -6.59 -38.83 -1.30
C CYS A 192 -8.01 -38.38 -1.60
N GLY A 193 -8.41 -38.55 -2.86
CA GLY A 193 -9.74 -38.18 -3.30
C GLY A 193 -10.77 -39.22 -2.93
N PRO A 194 -12.03 -38.93 -3.28
CA PRO A 194 -13.15 -39.77 -2.79
C PRO A 194 -13.10 -41.21 -3.27
N LYS A 195 -12.97 -41.44 -4.57
CA LYS A 195 -13.01 -42.81 -5.09
C LYS A 195 -11.65 -43.25 -5.60
N GLN B 1 4.14 -6.90 -2.11
CA GLN B 1 5.53 -6.65 -2.45
C GLN B 1 5.83 -7.07 -3.89
N VAL B 2 4.91 -7.87 -4.46
CA VAL B 2 5.02 -8.22 -5.86
C VAL B 2 4.93 -6.97 -6.71
N GLN B 3 5.80 -6.87 -7.71
CA GLN B 3 5.83 -5.75 -8.65
C GLN B 3 5.53 -6.28 -10.05
N LEU B 4 4.33 -6.01 -10.54
CA LEU B 4 3.97 -6.37 -11.90
C LEU B 4 4.33 -5.22 -12.84
N VAL B 5 5.06 -5.53 -13.91
CA VAL B 5 5.50 -4.53 -14.88
C VAL B 5 5.12 -5.02 -16.27
N GLU B 6 4.38 -4.21 -17.00
CA GLU B 6 3.92 -4.54 -18.34
C GLU B 6 4.97 -4.18 -19.38
N SER B 7 4.77 -4.66 -20.60
CA SER B 7 5.68 -4.36 -21.71
C SER B 7 4.93 -4.57 -23.02
N GLY B 8 5.37 -3.86 -24.05
CA GLY B 8 4.88 -4.08 -25.39
C GLY B 8 3.81 -3.13 -25.88
N GLY B 9 3.45 -2.12 -25.10
CA GLY B 9 2.47 -1.14 -25.55
C GLY B 9 2.99 -0.31 -26.70
N GLY B 10 2.07 0.43 -27.30
CA GLY B 10 2.41 1.29 -28.41
C GLY B 10 1.22 1.55 -29.30
N LEU B 11 1.51 2.07 -30.48
CA LEU B 11 0.52 2.47 -31.46
C LEU B 11 0.52 1.49 -32.63
N VAL B 12 -0.67 1.26 -33.20
CA VAL B 12 -0.80 0.44 -34.39
C VAL B 12 -2.11 0.81 -35.07
N GLN B 13 -2.15 0.62 -36.39
CA GLN B 13 -3.34 0.98 -37.15
C GLN B 13 -4.43 -0.08 -36.95
N ALA B 14 -5.67 0.35 -37.18
CA ALA B 14 -6.82 -0.54 -37.00
C ALA B 14 -6.68 -1.79 -37.87
N GLY B 15 -7.00 -2.93 -37.27
CA GLY B 15 -6.81 -4.22 -37.91
C GLY B 15 -5.46 -4.86 -37.66
N GLY B 16 -4.46 -4.08 -37.23
CA GLY B 16 -3.16 -4.62 -36.95
C GLY B 16 -3.12 -5.42 -35.66
N SER B 17 -1.93 -5.92 -35.35
CA SER B 17 -1.72 -6.76 -34.18
C SER B 17 -0.69 -6.14 -33.25
N LEU B 18 -0.75 -6.55 -31.98
CA LEU B 18 0.19 -6.10 -30.97
C LEU B 18 0.17 -7.09 -29.82
N ARG B 19 1.33 -7.31 -29.22
CA ARG B 19 1.48 -8.25 -28.11
C ARG B 19 2.00 -7.53 -26.88
N LEU B 20 1.37 -7.84 -25.74
CA LEU B 20 1.80 -7.33 -24.44
C LEU B 20 2.40 -8.46 -23.62
N SER B 21 3.19 -8.08 -22.62
CA SER B 21 3.81 -9.03 -21.71
C SER B 21 3.85 -8.42 -20.31
N CYS B 22 4.05 -9.29 -19.31
CA CYS B 22 4.07 -8.85 -17.93
C CYS B 22 4.79 -9.90 -17.09
N THR B 23 5.53 -9.43 -16.08
CA THR B 23 6.31 -10.33 -15.23
C THR B 23 6.54 -9.64 -13.89
N ALA B 24 7.31 -10.31 -13.02
CA ALA B 24 7.65 -9.82 -11.70
C ALA B 24 9.11 -10.14 -11.42
N PRO B 25 9.80 -9.28 -10.65
CA PRO B 25 11.23 -9.49 -10.41
C PRO B 25 11.47 -10.56 -9.36
N GLY B 26 11.93 -11.73 -9.79
CA GLY B 26 12.22 -12.82 -8.88
C GLY B 26 10.99 -13.52 -8.33
N ARG B 27 9.89 -12.78 -8.20
CA ARG B 27 8.66 -13.35 -7.67
C ARG B 27 8.10 -14.38 -8.63
N THR B 28 8.06 -15.64 -8.20
CA THR B 28 7.55 -16.72 -9.04
C THR B 28 6.03 -16.63 -9.11
N LEU B 29 5.52 -16.30 -10.29
CA LEU B 29 4.08 -16.27 -10.53
C LEU B 29 3.53 -17.62 -10.98
N LYS B 30 4.31 -18.70 -10.79
CA LYS B 30 3.91 -20.00 -11.35
C LYS B 30 2.63 -20.51 -10.69
N ASN B 31 2.41 -20.21 -9.42
CA ASN B 31 1.20 -20.63 -8.73
C ASN B 31 0.07 -19.60 -8.83
N PHE B 32 0.37 -18.40 -9.32
CA PHE B 32 -0.62 -17.33 -9.42
C PHE B 32 -1.38 -17.43 -10.73
N ALA B 33 -2.67 -17.10 -10.68
CA ALA B 33 -3.42 -16.84 -11.89
C ALA B 33 -3.12 -15.42 -12.38
N LEU B 34 -2.95 -15.28 -13.69
CA LEU B 34 -2.57 -14.00 -14.28
C LEU B 34 -3.64 -13.56 -15.27
N GLY B 35 -3.75 -12.24 -15.45
CA GLY B 35 -4.77 -11.70 -16.31
C GLY B 35 -4.47 -10.28 -16.72
N TRP B 36 -5.46 -9.66 -17.39
CA TRP B 36 -5.31 -8.32 -17.93
C TRP B 36 -6.60 -7.53 -17.73
N PHE B 37 -6.45 -6.27 -17.36
CA PHE B 37 -7.56 -5.34 -17.27
C PHE B 37 -7.33 -4.16 -18.21
N ARG B 38 -8.36 -3.32 -18.35
CA ARG B 38 -8.38 -2.29 -19.37
C ARG B 38 -9.06 -1.05 -18.83
N GLN B 39 -8.46 0.12 -19.05
CA GLN B 39 -9.03 1.40 -18.64
C GLN B 39 -9.24 2.26 -19.90
N ILE B 40 -10.44 2.20 -20.45
CA ILE B 40 -10.82 2.96 -21.64
C ILE B 40 -11.03 4.42 -21.23
N PRO B 41 -10.54 5.39 -22.00
CA PRO B 41 -10.71 6.80 -21.62
C PRO B 41 -12.18 7.16 -21.40
N GLY B 42 -12.46 7.74 -20.24
CA GLY B 42 -13.80 8.09 -19.86
C GLY B 42 -14.55 7.02 -19.09
N LYS B 43 -14.17 5.76 -19.24
CA LYS B 43 -14.79 4.65 -18.53
C LYS B 43 -13.85 4.11 -17.47
N GLU B 44 -14.40 3.26 -16.60
CA GLU B 44 -13.63 2.68 -15.51
C GLU B 44 -12.97 1.37 -15.96
N ARG B 45 -12.05 0.88 -15.13
CA ARG B 45 -11.29 -0.32 -15.49
C ARG B 45 -12.20 -1.52 -15.63
N GLU B 46 -11.98 -2.29 -16.69
CA GLU B 46 -12.81 -3.44 -17.01
C GLU B 46 -11.93 -4.66 -17.28
N PHE B 47 -12.55 -5.83 -17.22
CA PHE B 47 -11.86 -7.10 -17.40
C PHE B 47 -11.58 -7.36 -18.87
N VAL B 48 -10.47 -8.07 -19.13
CA VAL B 48 -10.08 -8.41 -20.50
C VAL B 48 -9.91 -9.93 -20.63
N ALA B 49 -8.96 -10.48 -19.87
CA ALA B 49 -8.64 -11.89 -19.99
C ALA B 49 -7.97 -12.37 -18.71
N ALA B 50 -7.93 -13.70 -18.55
CA ALA B 50 -7.29 -14.32 -17.40
C ALA B 50 -6.90 -15.75 -17.77
N ILE B 51 -5.86 -16.25 -17.12
CA ILE B 51 -5.38 -17.60 -17.36
C ILE B 51 -4.94 -18.20 -16.03
N THR B 52 -5.31 -19.46 -15.81
CA THR B 52 -4.94 -20.13 -14.57
C THR B 52 -3.45 -20.41 -14.52
N PHE B 53 -2.98 -20.82 -13.35
CA PHE B 53 -1.55 -20.98 -13.12
C PHE B 53 -0.93 -21.99 -14.08
N ASN B 54 -1.65 -23.08 -14.39
CA ASN B 54 -1.15 -24.10 -15.30
C ASN B 54 -1.84 -24.08 -16.65
N ALA B 55 -2.53 -22.98 -16.99
CA ALA B 55 -3.19 -22.74 -18.27
C ALA B 55 -4.30 -23.74 -18.58
N ASP B 56 -4.78 -24.50 -17.59
CA ASP B 56 -5.87 -25.44 -17.85
C ASP B 56 -7.18 -24.73 -18.13
N SER B 57 -7.25 -23.42 -17.96
CA SER B 57 -8.48 -22.66 -18.13
C SER B 57 -8.13 -21.21 -18.39
N SER B 58 -8.77 -20.62 -19.40
CA SER B 58 -8.60 -19.22 -19.73
C SER B 58 -9.97 -18.58 -19.94
N TYR B 59 -10.03 -17.26 -19.77
CA TYR B 59 -11.29 -16.53 -19.80
C TYR B 59 -11.11 -15.21 -20.53
N TYR B 60 -12.16 -14.79 -21.23
CA TYR B 60 -12.16 -13.55 -21.99
C TYR B 60 -13.50 -12.86 -21.84
N SER B 61 -13.47 -11.53 -21.83
CA SER B 61 -14.71 -10.77 -21.91
C SER B 61 -15.29 -10.88 -23.32
N ASP B 62 -16.61 -10.68 -23.41
CA ASP B 62 -17.30 -10.87 -24.69
C ASP B 62 -16.88 -9.81 -25.71
N THR B 63 -16.58 -8.60 -25.26
CA THR B 63 -16.09 -7.55 -26.15
C THR B 63 -14.77 -7.94 -26.81
N VAL B 64 -14.12 -9.00 -26.34
CA VAL B 64 -12.74 -9.29 -26.69
C VAL B 64 -12.57 -10.70 -27.25
N LYS B 65 -13.46 -11.63 -26.93
CA LYS B 65 -13.34 -13.03 -27.33
C LYS B 65 -13.07 -13.16 -28.83
N GLY B 66 -12.16 -14.08 -29.16
CA GLY B 66 -11.79 -14.38 -30.53
C GLY B 66 -10.63 -13.56 -31.06
N ARG B 67 -10.58 -12.28 -30.71
CA ARG B 67 -9.54 -11.39 -31.19
C ARG B 67 -8.29 -11.41 -30.30
N PHE B 68 -8.46 -11.43 -28.98
CA PHE B 68 -7.34 -11.51 -28.07
C PHE B 68 -7.18 -12.94 -27.58
N THR B 69 -5.93 -13.34 -27.35
CA THR B 69 -5.62 -14.64 -26.78
C THR B 69 -4.55 -14.47 -25.71
N ILE B 70 -4.82 -14.95 -24.51
CA ILE B 70 -3.90 -14.86 -23.38
C ILE B 70 -3.14 -16.17 -23.27
N SER B 71 -1.86 -16.08 -22.90
CA SER B 71 -1.03 -17.26 -22.71
C SER B 71 0.04 -16.92 -21.68
N ARG B 72 0.76 -17.96 -21.24
CA ARG B 72 1.79 -17.77 -20.23
C ARG B 72 2.93 -18.75 -20.48
N ASP B 73 4.11 -18.38 -20.00
CA ASP B 73 5.31 -19.22 -20.04
C ASP B 73 5.92 -19.17 -18.65
N ASN B 74 5.59 -20.15 -17.81
CA ASN B 74 6.08 -20.17 -16.44
C ASN B 74 7.59 -20.26 -16.37
N ALA B 75 8.25 -20.81 -17.40
CA ALA B 75 9.70 -20.83 -17.42
C ALA B 75 10.28 -19.42 -17.52
N LYS B 76 9.56 -18.50 -18.16
CA LYS B 76 9.98 -17.11 -18.26
C LYS B 76 9.25 -16.21 -17.27
N ASN B 77 8.35 -16.76 -16.46
CA ASN B 77 7.60 -15.98 -15.46
C ASN B 77 6.82 -14.84 -16.11
N THR B 78 6.22 -15.12 -17.27
CA THR B 78 5.62 -14.07 -18.09
C THR B 78 4.26 -14.51 -18.61
N VAL B 79 3.33 -13.56 -18.63
CA VAL B 79 2.02 -13.73 -19.26
C VAL B 79 1.96 -12.81 -20.47
N TYR B 80 1.31 -13.28 -21.54
CA TYR B 80 1.22 -12.54 -22.79
C TYR B 80 -0.24 -12.32 -23.16
N LEU B 81 -0.50 -11.20 -23.84
CA LEU B 81 -1.83 -10.88 -24.37
C LEU B 81 -1.67 -10.58 -25.85
N GLN B 82 -1.91 -11.58 -26.70
CA GLN B 82 -1.84 -11.42 -28.14
C GLN B 82 -3.14 -10.80 -28.63
N MET B 83 -3.08 -9.57 -29.13
CA MET B 83 -4.25 -8.84 -29.59
C MET B 83 -4.21 -8.69 -31.10
N ASN B 84 -5.20 -9.26 -31.78
CA ASN B 84 -5.33 -9.19 -33.22
C ASN B 84 -6.60 -8.44 -33.59
N SER B 85 -6.62 -7.91 -34.82
CA SER B 85 -7.78 -7.22 -35.38
C SER B 85 -8.24 -6.09 -34.46
N LEU B 86 -7.30 -5.19 -34.14
CA LEU B 86 -7.57 -4.15 -33.16
C LEU B 86 -8.46 -3.07 -33.75
N LYS B 87 -9.49 -2.67 -32.99
CA LYS B 87 -10.46 -1.64 -33.33
C LYS B 87 -10.24 -0.40 -32.45
N PRO B 88 -10.59 0.80 -32.95
CA PRO B 88 -10.39 2.03 -32.17
C PRO B 88 -10.96 2.00 -30.75
N GLU B 89 -11.92 1.11 -30.52
CA GLU B 89 -12.50 0.92 -29.20
C GLU B 89 -11.58 0.17 -28.25
N ASP B 90 -10.45 -0.33 -28.73
CA ASP B 90 -9.46 -1.00 -27.89
C ASP B 90 -8.43 -0.04 -27.30
N THR B 91 -8.44 1.22 -27.73
CA THR B 91 -7.51 2.21 -27.22
C THR B 91 -7.71 2.43 -25.74
N ALA B 92 -6.71 2.06 -24.94
CA ALA B 92 -6.79 2.16 -23.49
C ALA B 92 -5.42 1.86 -22.91
N VAL B 93 -5.30 2.06 -21.60
CA VAL B 93 -4.12 1.62 -20.86
C VAL B 93 -4.43 0.25 -20.27
N TYR B 94 -3.57 -0.72 -20.56
CA TYR B 94 -3.80 -2.10 -20.16
C TYR B 94 -3.01 -2.40 -18.90
N TYR B 95 -3.67 -3.05 -17.95
CA TYR B 95 -3.07 -3.36 -16.65
C TYR B 95 -2.95 -4.87 -16.48
N CYS B 96 -1.85 -5.28 -15.88
CA CYS B 96 -1.57 -6.68 -15.59
C CYS B 96 -1.96 -6.99 -14.14
N VAL B 97 -2.48 -8.19 -13.90
CA VAL B 97 -2.94 -8.58 -12.57
C VAL B 97 -2.50 -10.01 -12.26
N ALA B 98 -2.30 -10.27 -10.97
CA ALA B 98 -1.95 -11.58 -10.47
C ALA B 98 -2.81 -11.87 -9.24
N GLY B 99 -3.20 -13.14 -9.09
CA GLY B 99 -4.02 -13.50 -7.96
C GLY B 99 -4.21 -15.00 -7.88
N GLY B 100 -5.13 -15.40 -7.00
CA GLY B 100 -5.41 -16.80 -6.82
C GLY B 100 -6.31 -17.37 -7.90
N ASN B 101 -6.29 -18.69 -8.02
CA ASN B 101 -7.13 -19.40 -8.98
C ASN B 101 -8.49 -19.63 -8.33
N HIS B 102 -9.40 -18.69 -8.52
CA HIS B 102 -10.72 -18.76 -7.90
C HIS B 102 -11.50 -19.94 -8.44
N TYR B 103 -12.19 -20.65 -7.55
CA TYR B 103 -13.05 -21.75 -7.98
C TYR B 103 -14.17 -21.24 -8.86
N ASP B 104 -14.71 -20.07 -8.54
CA ASP B 104 -15.76 -19.44 -9.32
C ASP B 104 -15.12 -18.49 -10.34
N SER B 105 -15.94 -17.76 -11.08
CA SER B 105 -15.49 -16.75 -12.03
C SER B 105 -15.40 -15.36 -11.37
N ALA B 106 -14.80 -15.32 -10.17
CA ALA B 106 -14.46 -14.05 -9.55
C ALA B 106 -13.33 -13.34 -10.29
N ARG B 107 -12.58 -14.07 -11.14
CA ARG B 107 -11.57 -13.43 -11.97
C ARG B 107 -12.20 -12.44 -12.93
N TYR B 108 -13.36 -12.80 -13.47
CA TYR B 108 -14.15 -11.89 -14.29
C TYR B 108 -14.46 -10.63 -13.50
N PHE B 109 -13.98 -9.49 -14.01
CA PHE B 109 -14.15 -8.18 -13.35
C PHE B 109 -13.65 -8.32 -11.92
N SER B 110 -14.38 -7.81 -10.93
CA SER B 110 -14.00 -7.78 -9.52
C SER B 110 -12.49 -7.70 -9.35
N GLU B 111 -11.93 -6.54 -9.68
CA GLU B 111 -10.49 -6.33 -9.66
C GLU B 111 -9.91 -6.55 -8.28
N ARG B 112 -10.71 -6.32 -7.23
CA ARG B 112 -10.23 -6.53 -5.87
C ARG B 112 -10.05 -8.01 -5.53
N GLU B 113 -10.60 -8.93 -6.33
CA GLU B 113 -10.32 -10.34 -6.08
C GLU B 113 -8.90 -10.70 -6.44
N TRP B 114 -8.30 -9.97 -7.38
CA TRP B 114 -6.89 -10.13 -7.69
C TRP B 114 -6.09 -9.44 -6.60
N ASP B 115 -4.96 -10.04 -6.22
CA ASP B 115 -4.15 -9.50 -5.15
C ASP B 115 -3.19 -8.40 -5.61
N TYR B 116 -2.79 -8.39 -6.88
CA TYR B 116 -1.77 -7.46 -7.34
C TYR B 116 -2.18 -6.85 -8.67
N LEU B 117 -1.58 -5.70 -8.97
CA LEU B 117 -1.92 -4.92 -10.15
C LEU B 117 -0.69 -4.16 -10.62
N GLY B 118 -0.40 -4.23 -11.92
CA GLY B 118 0.71 -3.51 -12.49
C GLY B 118 0.42 -2.03 -12.61
N ARG B 119 1.35 -1.32 -13.26
CA ARG B 119 1.26 0.12 -13.38
C ARG B 119 0.69 0.59 -14.71
N GLY B 120 0.52 -0.30 -15.67
CA GLY B 120 -0.22 0.02 -16.88
C GLY B 120 0.68 0.44 -18.03
N THR B 121 0.23 0.11 -19.24
CA THR B 121 0.88 0.52 -20.47
C THR B 121 -0.18 0.91 -21.48
N GLN B 122 0.10 1.96 -22.26
CA GLN B 122 -0.89 2.54 -23.15
C GLN B 122 -0.85 1.89 -24.53
N VAL B 123 -2.03 1.57 -25.06
CA VAL B 123 -2.18 1.06 -26.42
C VAL B 123 -3.19 1.94 -27.14
N THR B 124 -2.79 2.46 -28.29
CA THR B 124 -3.63 3.34 -29.10
C THR B 124 -3.71 2.78 -30.51
N VAL B 125 -4.93 2.70 -31.05
CA VAL B 125 -5.11 2.28 -32.43
C VAL B 125 -5.96 3.31 -33.16
N SER B 126 -5.62 3.56 -34.42
CA SER B 126 -6.22 4.65 -35.17
C SER B 126 -7.07 4.13 -36.33
N ASN C 2 17.57 41.93 -4.44
CA ASN C 2 17.27 41.15 -5.64
C ASN C 2 16.27 40.04 -5.32
N LEU C 3 15.31 39.84 -6.22
CA LEU C 3 14.30 38.82 -6.03
C LEU C 3 14.91 37.43 -6.13
N CYS C 4 14.39 36.50 -5.34
CA CYS C 4 14.82 35.11 -5.44
C CYS C 4 14.31 34.52 -6.75
N PRO C 5 15.14 33.77 -7.48
CA PRO C 5 14.76 33.28 -8.82
C PRO C 5 13.80 32.09 -8.76
N PHE C 6 12.63 32.30 -8.16
CA PHE C 6 11.62 31.26 -8.13
C PHE C 6 11.02 31.04 -9.52
N GLY C 7 11.04 32.07 -10.37
CA GLY C 7 10.57 31.89 -11.73
C GLY C 7 11.45 30.96 -12.54
N GLU C 8 12.75 30.92 -12.24
CA GLU C 8 13.65 30.00 -12.93
C GLU C 8 13.37 28.56 -12.59
N VAL C 9 12.58 28.31 -11.54
CA VAL C 9 12.29 26.97 -11.07
C VAL C 9 10.89 26.53 -11.49
N PHE C 10 9.86 27.27 -11.06
CA PHE C 10 8.49 26.82 -11.24
C PHE C 10 8.06 26.89 -12.70
N ASN C 11 7.67 28.07 -13.18
CA ASN C 11 7.30 28.19 -14.59
C ASN C 11 8.55 28.40 -15.45
N ALA C 12 9.25 27.30 -15.68
CA ALA C 12 10.48 27.29 -16.45
C ALA C 12 10.26 26.74 -17.85
N THR C 13 11.02 25.70 -18.23
CA THR C 13 10.95 25.16 -19.57
C THR C 13 11.01 23.64 -19.58
N LYS C 14 12.18 23.07 -19.32
CA LYS C 14 12.36 21.63 -19.27
C LYS C 14 12.47 21.17 -17.81
N PHE C 15 11.85 20.04 -17.51
CA PHE C 15 11.92 19.43 -16.20
C PHE C 15 12.59 18.05 -16.30
N PRO C 16 13.27 17.61 -15.26
CA PRO C 16 13.96 16.31 -15.32
C PRO C 16 13.05 15.17 -14.88
N SER C 17 13.51 13.95 -15.17
CA SER C 17 12.83 12.77 -14.68
C SER C 17 12.97 12.67 -13.17
N VAL C 18 12.04 11.95 -12.55
CA VAL C 18 12.01 11.86 -11.09
C VAL C 18 13.23 11.14 -10.56
N TYR C 19 13.78 10.17 -11.33
CA TYR C 19 14.97 9.47 -10.86
C TYR C 19 16.20 10.35 -10.91
N ALA C 20 16.25 11.29 -11.85
CA ALA C 20 17.37 12.22 -11.94
C ALA C 20 16.91 13.62 -11.57
N TRP C 21 16.22 13.76 -10.44
CA TRP C 21 15.74 15.05 -10.00
C TRP C 21 16.89 16.02 -9.77
N GLU C 22 16.62 17.30 -9.95
CA GLU C 22 17.65 18.33 -9.92
C GLU C 22 17.33 19.35 -8.84
N ARG C 23 18.39 19.80 -8.15
CA ARG C 23 18.26 20.72 -7.02
C ARG C 23 18.92 22.04 -7.36
N LYS C 24 18.23 23.14 -7.01
CA LYS C 24 18.78 24.48 -7.13
C LYS C 24 18.87 25.09 -5.74
N LYS C 25 20.07 25.52 -5.35
CA LYS C 25 20.26 26.20 -4.07
C LYS C 25 19.90 27.68 -4.22
N ILE C 26 19.10 28.19 -3.29
CA ILE C 26 18.61 29.55 -3.33
C ILE C 26 19.13 30.28 -2.10
N SER C 27 19.93 31.32 -2.32
CA SER C 27 20.53 32.06 -1.22
C SER C 27 20.79 33.50 -1.65
N ASN C 28 20.91 34.37 -0.65
CA ASN C 28 21.26 35.78 -0.84
C ASN C 28 20.27 36.48 -1.78
N CYS C 29 19.00 36.46 -1.38
CA CYS C 29 17.94 37.09 -2.16
C CYS C 29 16.72 37.26 -1.27
N VAL C 30 15.77 38.04 -1.77
CA VAL C 30 14.51 38.30 -1.07
C VAL C 30 13.44 37.40 -1.70
N ALA C 31 12.80 36.59 -0.88
CA ALA C 31 11.83 35.61 -1.34
C ALA C 31 10.43 36.14 -1.15
N ASP C 32 9.67 36.23 -2.23
CA ASP C 32 8.25 36.58 -2.21
C ASP C 32 7.47 35.33 -2.58
N TYR C 33 7.03 34.58 -1.56
CA TYR C 33 6.28 33.36 -1.79
C TYR C 33 4.85 33.62 -2.23
N SER C 34 4.39 34.87 -2.20
CA SER C 34 3.03 35.18 -2.61
C SER C 34 2.79 34.87 -4.08
N VAL C 35 3.84 34.83 -4.89
CA VAL C 35 3.70 34.45 -6.30
C VAL C 35 3.30 32.99 -6.47
N LEU C 36 3.40 32.20 -5.41
CA LEU C 36 2.93 30.82 -5.41
C LEU C 36 1.53 30.68 -4.82
N TYR C 37 0.95 31.76 -4.30
CA TYR C 37 -0.34 31.72 -3.62
C TYR C 37 -1.48 31.61 -4.63
N ASN C 38 -1.45 30.52 -5.40
CA ASN C 38 -2.46 30.24 -6.42
C ASN C 38 -3.03 28.84 -6.15
N SER C 39 -4.28 28.78 -5.70
CA SER C 39 -4.88 27.50 -5.35
C SER C 39 -5.30 26.70 -6.59
N THR C 40 -5.83 27.37 -7.61
CA THR C 40 -6.27 26.67 -8.80
C THR C 40 -5.11 26.24 -9.70
N PHE C 41 -3.95 26.90 -9.58
CA PHE C 41 -2.79 26.49 -10.36
C PHE C 41 -2.14 25.24 -9.76
N PHE C 42 -1.80 25.30 -8.48
CA PHE C 42 -1.11 24.18 -7.81
C PHE C 42 -2.16 23.27 -7.20
N SER C 43 -2.43 22.14 -7.87
CA SER C 43 -3.33 21.14 -7.32
C SER C 43 -2.77 20.54 -6.04
N THR C 44 -1.46 20.65 -5.81
CA THR C 44 -0.82 20.26 -4.57
C THR C 44 -0.06 21.46 -4.02
N PHE C 45 -0.38 21.85 -2.79
CA PHE C 45 0.35 22.92 -2.09
C PHE C 45 0.36 22.56 -0.61
N LYS C 46 1.05 21.47 -0.28
CA LYS C 46 1.20 21.00 1.09
C LYS C 46 2.51 21.52 1.67
N CYS C 47 2.47 21.88 2.95
CA CYS C 47 3.68 22.26 3.68
C CYS C 47 3.78 21.43 4.95
N TYR C 48 5.02 21.18 5.37
CA TYR C 48 5.31 20.40 6.55
C TYR C 48 6.24 21.20 7.46
N GLY C 49 5.88 21.31 8.74
CA GLY C 49 6.67 22.05 9.69
C GLY C 49 6.63 23.56 9.54
N VAL C 50 5.98 24.08 8.50
CA VAL C 50 5.82 25.52 8.30
C VAL C 50 4.42 25.77 7.79
N SER C 51 3.98 27.01 7.93
CA SER C 51 2.70 27.46 7.41
C SER C 51 2.94 28.20 6.09
N ALA C 52 2.13 27.88 5.08
CA ALA C 52 2.33 28.49 3.77
C ALA C 52 2.00 29.99 3.80
N THR C 53 0.91 30.37 4.46
CA THR C 53 0.54 31.78 4.53
C THR C 53 1.52 32.60 5.36
N LYS C 54 2.38 31.95 6.14
CA LYS C 54 3.32 32.65 7.00
C LYS C 54 4.75 32.63 6.45
N LEU C 55 4.93 32.19 5.20
CA LEU C 55 6.28 32.06 4.65
C LEU C 55 6.94 33.42 4.45
N ASN C 56 6.16 34.45 4.12
CA ASN C 56 6.75 35.76 3.86
C ASN C 56 7.29 36.42 5.12
N ASP C 57 6.78 36.04 6.29
CA ASP C 57 7.24 36.60 7.55
C ASP C 57 8.46 35.88 8.12
N LEU C 58 9.00 34.90 7.41
CA LEU C 58 10.05 34.03 7.94
C LEU C 58 11.39 34.33 7.27
N CYS C 59 12.46 33.96 7.99
CA CYS C 59 13.82 34.08 7.48
C CYS C 59 14.50 32.73 7.60
N PHE C 60 15.29 32.37 6.59
CA PHE C 60 15.96 31.09 6.54
C PHE C 60 17.41 31.28 6.10
N SER C 61 18.25 30.30 6.47
CA SER C 61 19.64 30.32 6.06
C SER C 61 19.77 30.09 4.55
N ASN C 62 19.17 29.02 4.06
CA ASN C 62 19.14 28.73 2.62
C ASN C 62 17.81 28.06 2.29
N VAL C 63 17.44 28.14 1.02
CA VAL C 63 16.25 27.47 0.50
C VAL C 63 16.69 26.59 -0.66
N TYR C 64 16.20 25.35 -0.68
CA TYR C 64 16.50 24.40 -1.74
C TYR C 64 15.22 24.05 -2.48
N ALA C 65 15.31 23.96 -3.80
CA ALA C 65 14.19 23.60 -4.66
C ALA C 65 14.58 22.41 -5.52
N ASP C 66 13.80 21.33 -5.43
CA ASP C 66 14.01 20.14 -6.24
C ASP C 66 12.89 20.03 -7.26
N SER C 67 13.26 19.68 -8.50
CA SER C 67 12.32 19.61 -9.61
C SER C 67 12.33 18.22 -10.23
N PHE C 68 11.15 17.75 -10.63
CA PHE C 68 11.00 16.47 -11.34
C PHE C 68 9.55 16.37 -11.80
N VAL C 69 9.26 15.27 -12.50
CA VAL C 69 7.94 15.03 -13.08
C VAL C 69 7.50 13.62 -12.70
N VAL C 70 6.26 13.49 -12.23
CA VAL C 70 5.63 12.18 -12.03
C VAL C 70 4.22 12.23 -12.59
N LYS C 71 3.63 11.06 -12.79
CA LYS C 71 2.25 11.00 -13.24
C LYS C 71 1.31 11.34 -12.08
N GLY C 72 0.04 11.57 -12.41
CA GLY C 72 -0.90 12.08 -11.42
C GLY C 72 -1.02 11.18 -10.20
N ASP C 73 -1.20 9.88 -10.42
CA ASP C 73 -1.37 8.94 -9.33
C ASP C 73 -0.12 8.78 -8.47
N ASP C 74 1.02 9.29 -8.93
CA ASP C 74 2.28 9.18 -8.19
C ASP C 74 2.60 10.43 -7.37
N VAL C 75 1.81 11.49 -7.49
CA VAL C 75 2.10 12.73 -6.76
C VAL C 75 1.95 12.50 -5.26
N ARG C 76 0.97 11.68 -4.86
CA ARG C 76 0.77 11.40 -3.45
C ARG C 76 1.97 10.74 -2.80
N GLN C 77 2.88 10.17 -3.60
CA GLN C 77 4.09 9.55 -3.07
C GLN C 77 5.16 10.56 -2.69
N ILE C 78 4.96 11.85 -3.01
CA ILE C 78 5.90 12.89 -2.60
C ILE C 78 5.44 13.45 -1.26
N ALA C 79 5.79 12.77 -0.18
CA ALA C 79 5.36 13.11 1.16
C ALA C 79 6.27 12.40 2.16
N PRO C 80 6.39 12.93 3.37
CA PRO C 80 7.27 12.28 4.36
C PRO C 80 6.83 10.87 4.70
N GLY C 81 7.80 9.95 4.72
CA GLY C 81 7.54 8.58 5.14
C GLY C 81 6.69 7.76 4.21
N GLN C 82 6.44 8.23 3.00
CA GLN C 82 5.61 7.46 2.07
C GLN C 82 6.37 6.23 1.57
N THR C 83 5.60 5.24 1.14
CA THR C 83 6.15 4.04 0.51
C THR C 83 5.65 3.96 -0.93
N GLY C 84 6.36 3.19 -1.74
CA GLY C 84 6.05 3.06 -3.14
C GLY C 84 7.28 3.22 -4.01
N VAL C 85 7.09 2.93 -5.30
CA VAL C 85 8.21 2.88 -6.22
C VAL C 85 8.87 4.24 -6.39
N ILE C 86 8.11 5.33 -6.25
CA ILE C 86 8.67 6.66 -6.41
C ILE C 86 9.30 7.14 -5.11
N ALA C 87 8.61 6.93 -3.98
CA ALA C 87 9.12 7.42 -2.71
C ALA C 87 10.28 6.58 -2.18
N ASP C 88 10.41 5.32 -2.60
CA ASP C 88 11.45 4.45 -2.11
C ASP C 88 12.67 4.38 -3.02
N TYR C 89 12.50 4.55 -4.33
CA TYR C 89 13.58 4.36 -5.29
C TYR C 89 13.97 5.61 -6.06
N ASN C 90 13.27 6.73 -5.87
CA ASN C 90 13.53 7.90 -6.70
C ASN C 90 13.74 9.16 -5.87
N TYR C 91 12.74 9.56 -5.09
CA TYR C 91 12.79 10.79 -4.31
C TYR C 91 12.17 10.55 -2.95
N LYS C 92 12.99 10.52 -1.91
CA LYS C 92 12.54 10.20 -0.55
C LYS C 92 12.68 11.42 0.34
N LEU C 93 11.58 11.77 1.02
CA LEU C 93 11.54 12.83 2.02
C LEU C 93 11.65 12.23 3.42
N PRO C 94 12.39 12.88 4.31
CA PRO C 94 12.49 12.39 5.69
C PRO C 94 11.23 12.69 6.49
N ASP C 95 11.11 12.00 7.63
CA ASP C 95 9.94 12.19 8.48
C ASP C 95 9.89 13.60 9.05
N ASP C 96 11.06 14.17 9.37
CA ASP C 96 11.16 15.52 9.92
C ASP C 96 11.30 16.59 8.85
N PHE C 97 10.75 16.36 7.66
CA PHE C 97 10.89 17.29 6.54
C PHE C 97 10.20 18.61 6.86
N MET C 98 10.93 19.72 6.79
CA MET C 98 10.37 21.05 6.93
C MET C 98 10.43 21.72 5.56
N GLY C 99 9.27 21.95 4.99
CA GLY C 99 9.19 22.56 3.67
C GLY C 99 7.81 22.32 3.08
N CYS C 100 7.72 22.56 1.77
CA CYS C 100 6.46 22.48 1.06
C CYS C 100 6.62 21.64 -0.20
N VAL C 101 5.48 21.11 -0.66
CA VAL C 101 5.41 20.29 -1.85
C VAL C 101 4.38 20.90 -2.79
N LEU C 102 4.80 21.23 -4.01
CA LEU C 102 3.94 21.86 -4.99
C LEU C 102 3.90 21.03 -6.27
N ALA C 103 2.71 20.90 -6.84
CA ALA C 103 2.56 20.16 -8.08
C ALA C 103 1.43 20.78 -8.90
N TRP C 104 1.55 20.68 -10.22
CA TRP C 104 0.52 21.20 -11.11
C TRP C 104 0.52 20.39 -12.40
N ASN C 105 -0.67 20.28 -13.00
CA ASN C 105 -0.83 19.48 -14.20
C ASN C 105 -0.15 20.16 -15.39
N THR C 106 0.70 19.40 -16.08
CA THR C 106 1.43 19.89 -17.25
C THR C 106 1.18 18.99 -18.45
N ARG C 107 -0.05 18.53 -18.61
CA ARG C 107 -0.40 17.73 -19.78
C ARG C 107 -0.26 18.54 -21.06
N ASN C 108 -0.54 19.84 -21.00
CA ASN C 108 -0.46 20.69 -22.18
C ASN C 108 0.96 20.83 -22.72
N ILE C 109 1.97 20.56 -21.90
CA ILE C 109 3.37 20.75 -22.31
C ILE C 109 4.20 19.48 -22.17
N ASP C 110 3.73 18.47 -21.44
CA ASP C 110 4.48 17.24 -21.27
C ASP C 110 3.80 16.01 -21.87
N ALA C 111 2.54 16.12 -22.29
CA ALA C 111 1.82 15.01 -22.90
C ALA C 111 1.55 15.31 -24.37
N THR C 112 1.78 14.32 -25.22
CA THR C 112 1.55 14.42 -26.64
C THR C 112 0.55 13.37 -27.08
N SER C 113 -0.06 13.61 -28.25
CA SER C 113 -1.09 12.70 -28.75
C SER C 113 -0.50 11.34 -29.08
N THR C 114 0.72 11.31 -29.62
CA THR C 114 1.41 10.05 -29.87
C THR C 114 2.10 9.50 -28.63
N GLY C 115 2.10 10.24 -27.53
CA GLY C 115 2.69 9.75 -26.30
C GLY C 115 4.13 10.18 -26.09
N ASN C 116 4.40 10.81 -24.95
CA ASN C 116 5.75 11.20 -24.56
C ASN C 116 6.27 10.18 -23.57
N HIS C 117 7.38 9.51 -23.92
CA HIS C 117 7.97 8.48 -23.09
C HIS C 117 9.36 8.87 -22.60
N ASN C 118 9.70 10.15 -22.65
CA ASN C 118 11.03 10.59 -22.26
C ASN C 118 11.22 10.61 -20.75
N TYR C 119 10.14 10.81 -19.99
CA TYR C 119 10.23 10.83 -18.54
C TYR C 119 10.30 9.40 -18.01
N LYS C 120 11.31 9.13 -17.19
CA LYS C 120 11.55 7.79 -16.67
C LYS C 120 11.47 7.79 -15.15
N TYR C 121 11.32 6.58 -14.60
CA TYR C 121 11.43 6.36 -13.16
C TYR C 121 12.11 5.02 -12.95
N ARG C 122 12.78 4.88 -11.81
CA ARG C 122 13.42 3.63 -11.43
C ARG C 122 12.43 2.77 -10.67
N TYR C 123 12.34 1.49 -11.03
CA TYR C 123 11.41 0.58 -10.39
C TYR C 123 12.07 -0.63 -9.77
N LEU C 124 13.40 -0.75 -9.85
CA LEU C 124 14.12 -1.83 -9.21
C LEU C 124 15.41 -1.28 -8.60
N ARG C 125 15.70 -1.73 -7.37
CA ARG C 125 16.91 -1.27 -6.69
C ARG C 125 17.19 -2.20 -5.51
N HIS C 126 18.47 -2.45 -5.25
CA HIS C 126 18.89 -3.23 -4.09
C HIS C 126 18.96 -2.29 -2.88
N GLY C 127 17.81 -2.07 -2.28
CA GLY C 127 17.72 -1.23 -1.10
C GLY C 127 17.00 0.08 -1.40
N LYS C 128 16.27 0.57 -0.40
CA LYS C 128 15.57 1.84 -0.53
C LYS C 128 16.57 3.00 -0.50
N LEU C 129 16.14 4.12 -1.06
CA LEU C 129 16.95 5.33 -1.03
C LEU C 129 16.90 5.95 0.36
N ARG C 130 18.02 6.57 0.75
CA ARG C 130 18.03 7.41 1.95
C ARG C 130 17.32 8.72 1.64
N PRO C 131 16.84 9.42 2.68
CA PRO C 131 16.17 10.71 2.44
C PRO C 131 17.10 11.69 1.73
N PHE C 132 16.61 12.22 0.60
CA PHE C 132 17.30 13.16 -0.27
C PHE C 132 18.47 12.55 -1.02
N GLU C 133 18.65 11.22 -0.95
CA GLU C 133 19.62 10.56 -1.79
C GLU C 133 19.18 10.62 -3.25
N ARG C 134 20.12 10.39 -4.15
CA ARG C 134 19.85 10.41 -5.59
C ARG C 134 20.61 9.27 -6.26
N ASP C 135 19.93 8.56 -7.15
CA ASP C 135 20.52 7.46 -7.90
C ASP C 135 20.26 7.70 -9.39
N ILE C 136 21.32 7.99 -10.13
CA ILE C 136 21.24 8.21 -11.57
C ILE C 136 21.92 7.11 -12.36
N SER C 137 22.26 5.99 -11.71
CA SER C 137 22.90 4.90 -12.41
C SER C 137 21.90 4.18 -13.31
N ASN C 138 22.44 3.43 -14.28
CA ASN C 138 21.64 2.70 -15.24
C ASN C 138 22.32 1.36 -15.55
N VAL C 139 22.53 0.56 -14.51
CA VAL C 139 23.16 -0.74 -14.64
C VAL C 139 22.08 -1.82 -14.62
N PRO C 140 22.19 -2.87 -15.44
CA PRO C 140 21.15 -3.91 -15.44
C PRO C 140 20.98 -4.55 -14.07
N PHE C 141 19.71 -4.74 -13.69
CA PHE C 141 19.35 -5.22 -12.37
C PHE C 141 19.14 -6.73 -12.37
N SER C 142 19.65 -7.39 -11.34
CA SER C 142 19.45 -8.80 -11.13
C SER C 142 19.09 -9.05 -9.67
N PRO C 143 18.08 -9.90 -9.40
CA PRO C 143 17.67 -10.12 -8.02
C PRO C 143 18.76 -10.68 -7.13
N ASP C 144 19.73 -11.39 -7.69
CA ASP C 144 20.86 -11.93 -6.92
C ASP C 144 22.02 -10.96 -6.82
N GLY C 145 21.88 -9.74 -7.34
CA GLY C 145 22.93 -8.75 -7.30
C GLY C 145 24.07 -8.96 -8.28
N LYS C 146 24.18 -10.14 -8.88
CA LYS C 146 25.28 -10.41 -9.80
C LYS C 146 25.08 -9.63 -11.10
N PRO C 147 26.18 -9.18 -11.72
CA PRO C 147 26.07 -8.47 -13.00
C PRO C 147 25.45 -9.35 -14.07
N CYS C 148 24.81 -8.71 -15.03
CA CYS C 148 24.16 -9.44 -16.12
C CYS C 148 24.00 -8.52 -17.32
N THR C 149 23.97 -9.12 -18.49
CA THR C 149 23.74 -8.43 -19.75
C THR C 149 22.25 -8.50 -20.10
N PRO C 150 21.63 -7.38 -20.48
CA PRO C 150 20.16 -7.25 -20.50
C PRO C 150 19.44 -8.42 -21.17
N PRO C 151 19.84 -8.84 -22.38
CA PRO C 151 19.03 -9.87 -23.08
C PRO C 151 18.89 -11.19 -22.33
N ALA C 152 19.59 -11.37 -21.22
CA ALA C 152 19.51 -12.62 -20.46
C ALA C 152 18.22 -12.68 -19.65
N LEU C 153 17.97 -13.85 -19.07
CA LEU C 153 16.81 -14.06 -18.24
C LEU C 153 17.10 -13.63 -16.80
N ASN C 154 16.06 -13.13 -16.13
CA ASN C 154 16.16 -12.60 -14.76
C ASN C 154 17.11 -11.41 -14.69
N CYS C 155 17.25 -10.70 -15.81
CA CYS C 155 18.03 -9.47 -15.88
C CYS C 155 17.12 -8.37 -16.44
N TYR C 156 16.99 -7.27 -15.70
CA TYR C 156 16.02 -6.24 -16.03
C TYR C 156 16.67 -4.86 -16.01
N TRP C 157 16.30 -4.02 -16.97
CA TRP C 157 16.70 -2.62 -16.94
C TRP C 157 15.95 -1.91 -15.84
N PRO C 158 16.64 -1.23 -14.91
CA PRO C 158 15.97 -0.68 -13.72
C PRO C 158 15.14 0.56 -13.99
N LEU C 159 15.25 1.18 -15.17
CA LEU C 159 14.49 2.37 -15.50
C LEU C 159 13.29 2.00 -16.36
N ASN C 160 12.13 2.52 -15.98
CA ASN C 160 10.90 2.41 -16.77
C ASN C 160 10.37 3.81 -17.05
N ASP C 161 9.76 3.98 -18.21
CA ASP C 161 9.29 5.30 -18.62
C ASP C 161 7.81 5.47 -18.35
N TYR C 162 7.41 6.73 -18.21
CA TYR C 162 6.00 7.08 -18.17
C TYR C 162 5.41 7.12 -19.57
N GLY C 163 4.10 6.94 -19.66
CA GLY C 163 3.39 7.09 -20.91
C GLY C 163 2.40 8.23 -20.84
N PHE C 164 2.82 9.42 -21.27
CA PHE C 164 2.02 10.62 -21.13
C PHE C 164 1.27 10.88 -22.45
N TYR C 165 -0.04 10.76 -22.40
CA TYR C 165 -0.89 10.92 -23.57
C TYR C 165 -1.96 11.97 -23.26
N THR C 166 -2.43 12.64 -24.30
CA THR C 166 -3.49 13.64 -24.16
C THR C 166 -4.88 13.02 -24.10
N THR C 167 -4.99 11.70 -24.12
CA THR C 167 -6.28 11.02 -24.10
C THR C 167 -6.64 10.41 -22.76
N THR C 168 -5.68 10.33 -21.83
CA THR C 168 -5.90 9.62 -20.57
C THR C 168 -6.54 10.54 -19.53
N GLY C 169 -6.95 9.93 -18.43
CA GLY C 169 -7.53 10.67 -17.33
C GLY C 169 -6.50 11.42 -16.51
N ILE C 170 -6.98 12.06 -15.44
CA ILE C 170 -6.10 12.91 -14.63
C ILE C 170 -5.04 12.09 -13.89
N GLY C 171 -5.30 10.80 -13.65
CA GLY C 171 -4.35 9.98 -12.90
C GLY C 171 -3.09 9.64 -13.68
N TYR C 172 -3.17 9.62 -15.00
CA TYR C 172 -2.02 9.30 -15.84
C TYR C 172 -1.46 10.52 -16.55
N GLN C 173 -1.95 11.71 -16.24
CA GLN C 173 -1.42 12.91 -16.87
C GLN C 173 -0.14 13.36 -16.17
N PRO C 174 0.77 14.00 -16.88
CA PRO C 174 2.03 14.42 -16.26
C PRO C 174 1.84 15.58 -15.32
N TYR C 175 2.57 15.55 -14.20
CA TYR C 175 2.55 16.61 -13.21
C TYR C 175 3.99 17.02 -12.91
N ARG C 176 4.25 18.32 -12.90
CA ARG C 176 5.54 18.84 -12.50
C ARG C 176 5.50 19.17 -11.01
N VAL C 177 6.57 18.79 -10.30
CA VAL C 177 6.63 18.92 -8.85
C VAL C 177 7.86 19.75 -8.47
N VAL C 178 7.66 20.68 -7.55
CA VAL C 178 8.75 21.44 -6.94
C VAL C 178 8.65 21.25 -5.43
N VAL C 179 9.69 20.71 -4.82
CA VAL C 179 9.76 20.51 -3.38
C VAL C 179 10.72 21.56 -2.82
N LEU C 180 10.21 22.37 -1.90
CA LEU C 180 11.00 23.43 -1.27
C LEU C 180 11.43 23.00 0.13
N SER C 181 12.72 23.07 0.40
CA SER C 181 13.28 22.77 1.71
C SER C 181 13.82 24.06 2.31
N PHE C 182 13.46 24.32 3.57
CA PHE C 182 13.86 25.54 4.27
C PHE C 182 14.89 25.19 5.33
N GLU C 183 16.10 25.73 5.17
CA GLU C 183 17.24 25.37 6.01
C GLU C 183 17.46 26.41 7.10
N LEU C 184 17.77 25.93 8.30
CA LEU C 184 18.08 26.76 9.47
C LEU C 184 19.39 26.24 10.05
N LEU C 185 20.51 26.84 9.65
CA LEU C 185 21.83 26.26 9.89
C LEU C 185 22.68 27.09 10.86
N ASN C 186 22.05 27.94 11.68
CA ASN C 186 22.78 28.78 12.64
C ASN C 186 23.87 29.58 11.94
N ALA C 187 23.52 30.14 10.79
CA ALA C 187 24.40 31.01 10.02
C ALA C 187 23.63 32.30 9.77
N PRO C 188 24.23 33.32 9.15
CA PRO C 188 23.45 34.47 8.71
C PRO C 188 22.29 34.02 7.82
N ALA C 189 21.13 34.65 8.01
CA ALA C 189 19.96 34.36 7.20
C ALA C 189 20.10 35.07 5.86
N THR C 190 20.09 34.29 4.77
CA THR C 190 20.33 34.84 3.44
C THR C 190 19.09 34.84 2.55
N VAL C 191 17.99 34.20 2.97
CA VAL C 191 16.75 34.23 2.23
C VAL C 191 15.64 34.64 3.20
N CYS C 192 15.15 35.87 3.05
CA CYS C 192 14.10 36.40 3.89
C CYS C 192 12.93 36.87 3.04
N GLY C 193 11.79 37.09 3.70
CA GLY C 193 10.63 37.60 3.03
C GLY C 193 10.80 39.08 2.69
N PRO C 194 9.79 39.64 2.02
CA PRO C 194 9.89 41.02 1.56
C PRO C 194 9.79 42.01 2.70
N LYS C 195 10.26 43.22 2.42
CA LYS C 195 10.23 44.39 3.34
C LYS C 195 10.58 44.05 4.78
N GLN D 1 5.67 1.55 6.61
CA GLN D 1 5.11 2.89 6.43
C GLN D 1 4.46 3.41 7.71
N VAL D 2 3.59 4.40 7.56
CA VAL D 2 2.99 5.09 8.70
C VAL D 2 1.69 4.39 9.08
N GLN D 3 1.60 3.95 10.33
CA GLN D 3 0.41 3.31 10.88
C GLN D 3 -0.29 4.29 11.81
N LEU D 4 -1.46 4.76 11.42
CA LEU D 4 -2.29 5.61 12.28
C LEU D 4 -3.24 4.71 13.06
N VAL D 5 -3.12 4.74 14.39
CA VAL D 5 -3.89 3.86 15.27
C VAL D 5 -4.81 4.72 16.12
N GLU D 6 -6.11 4.48 16.01
CA GLU D 6 -7.09 5.18 16.82
C GLU D 6 -7.28 4.47 18.16
N SER D 7 -7.65 5.26 19.16
CA SER D 7 -7.90 4.74 20.50
C SER D 7 -9.08 5.47 21.13
N GLY D 8 -9.76 4.79 22.05
CA GLY D 8 -10.82 5.40 22.81
C GLY D 8 -12.21 5.28 22.25
N GLY D 9 -12.46 4.32 21.37
CA GLY D 9 -13.81 4.06 20.90
C GLY D 9 -14.70 3.48 21.98
N GLY D 10 -15.91 3.15 21.59
CA GLY D 10 -16.89 2.58 22.49
C GLY D 10 -18.29 3.02 22.13
N LEU D 11 -19.21 2.82 23.07
CA LEU D 11 -20.61 3.18 22.91
C LEU D 11 -21.00 4.13 24.04
N VAL D 12 -21.59 5.26 23.69
CA VAL D 12 -21.93 6.32 24.64
C VAL D 12 -23.45 6.52 24.63
N GLN D 13 -23.99 7.03 25.74
CA GLN D 13 -25.38 7.47 25.76
C GLN D 13 -25.48 8.85 25.14
N ALA D 14 -26.65 9.15 24.58
CA ALA D 14 -26.87 10.42 23.91
C ALA D 14 -26.67 11.58 24.88
N GLY D 15 -25.95 12.61 24.42
CA GLY D 15 -25.65 13.76 25.24
C GLY D 15 -24.48 13.58 26.19
N GLY D 16 -23.83 12.41 26.19
CA GLY D 16 -22.61 12.22 26.95
C GLY D 16 -21.44 12.92 26.28
N SER D 17 -20.23 12.47 26.63
CA SER D 17 -19.04 13.00 25.98
C SER D 17 -17.94 11.97 26.03
N LEU D 18 -17.30 11.75 24.88
CA LEU D 18 -16.23 10.76 24.73
C LEU D 18 -15.10 11.39 23.93
N ARG D 19 -13.87 11.08 24.32
CA ARG D 19 -12.68 11.64 23.67
C ARG D 19 -11.94 10.53 22.92
N LEU D 20 -11.62 10.79 21.66
CA LEU D 20 -10.86 9.86 20.85
C LEU D 20 -9.38 10.22 20.89
N SER D 21 -8.55 9.31 20.35
CA SER D 21 -7.11 9.50 20.35
C SER D 21 -6.51 8.79 19.15
N CYS D 22 -5.42 9.34 18.63
CA CYS D 22 -4.72 8.74 17.50
C CYS D 22 -3.23 9.03 17.61
N THR D 23 -2.42 8.01 17.38
CA THR D 23 -0.97 8.11 17.46
C THR D 23 -0.34 7.25 16.38
N ALA D 24 0.83 7.68 15.89
CA ALA D 24 1.70 6.80 15.13
C ALA D 24 2.79 6.30 16.05
N PRO D 25 2.95 4.99 16.22
CA PRO D 25 3.82 4.49 17.30
C PRO D 25 5.27 4.95 17.19
N GLY D 26 5.92 4.74 16.05
CA GLY D 26 7.32 5.08 15.94
C GLY D 26 7.64 6.25 15.04
N ARG D 27 6.62 6.82 14.41
CA ARG D 27 6.80 7.88 13.42
C ARG D 27 6.29 9.20 13.99
N THR D 28 7.17 10.20 14.00
CA THR D 28 6.80 11.51 14.55
C THR D 28 5.87 12.24 13.60
N LEU D 29 4.86 12.90 14.17
CA LEU D 29 3.86 13.65 13.40
C LEU D 29 3.88 15.13 13.74
N LYS D 30 5.00 15.64 14.24
CA LYS D 30 5.06 17.03 14.68
C LYS D 30 4.85 17.99 13.52
N ASN D 31 5.36 17.64 12.34
CA ASN D 31 5.24 18.49 11.15
C ASN D 31 3.99 18.20 10.34
N PHE D 32 3.18 17.23 10.75
CA PHE D 32 2.03 16.78 9.98
C PHE D 32 0.76 17.46 10.45
N ALA D 33 -0.12 17.79 9.51
CA ALA D 33 -1.49 18.10 9.85
C ALA D 33 -2.24 16.83 10.19
N LEU D 34 -3.07 16.88 11.22
CA LEU D 34 -3.80 15.72 11.69
C LEU D 34 -5.28 16.06 11.79
N GLY D 35 -6.13 15.07 11.50
CA GLY D 35 -7.56 15.29 11.54
C GLY D 35 -8.35 14.03 11.83
N TRP D 36 -9.65 14.08 11.59
CA TRP D 36 -10.53 12.95 11.83
C TRP D 36 -11.57 12.86 10.72
N PHE D 37 -11.96 11.63 10.40
CA PHE D 37 -12.99 11.35 9.41
C PHE D 37 -14.01 10.39 10.00
N ARG D 38 -15.15 10.28 9.34
CA ARG D 38 -16.28 9.55 9.88
C ARG D 38 -17.01 8.81 8.76
N GLN D 39 -17.37 7.55 9.03
CA GLN D 39 -18.07 6.70 8.07
C GLN D 39 -19.35 6.18 8.72
N ILE D 40 -20.45 6.89 8.51
CA ILE D 40 -21.76 6.40 8.97
C ILE D 40 -22.20 5.26 8.08
N PRO D 41 -22.75 4.17 8.63
CA PRO D 41 -23.17 3.04 7.79
C PRO D 41 -24.09 3.47 6.67
N GLY D 42 -23.87 2.90 5.49
CA GLY D 42 -24.63 3.24 4.30
C GLY D 42 -24.17 4.49 3.57
N LYS D 43 -23.32 5.31 4.17
CA LYS D 43 -22.87 6.55 3.58
C LYS D 43 -21.35 6.54 3.42
N GLU D 44 -20.86 7.41 2.53
CA GLU D 44 -19.43 7.54 2.31
C GLU D 44 -18.78 8.28 3.47
N ARG D 45 -17.45 8.27 3.48
CA ARG D 45 -16.69 8.82 4.61
C ARG D 45 -16.80 10.33 4.64
N GLU D 46 -17.09 10.88 5.82
CA GLU D 46 -17.29 12.30 6.03
C GLU D 46 -16.11 12.91 6.76
N PHE D 47 -15.81 14.16 6.42
CA PHE D 47 -14.82 14.94 7.16
C PHE D 47 -15.41 15.37 8.50
N VAL D 48 -14.54 15.46 9.52
CA VAL D 48 -14.98 15.86 10.85
C VAL D 48 -14.19 17.07 11.31
N ALA D 49 -12.89 16.90 11.54
CA ALA D 49 -12.07 17.97 12.07
C ALA D 49 -10.66 17.85 11.50
N ALA D 50 -9.90 18.94 11.64
CA ALA D 50 -8.53 18.98 11.16
C ALA D 50 -7.79 20.07 11.93
N ILE D 51 -6.53 19.80 12.27
CA ILE D 51 -5.70 20.73 13.02
C ILE D 51 -4.31 20.73 12.41
N THR D 52 -3.70 21.91 12.33
CA THR D 52 -2.39 22.06 11.72
C THR D 52 -1.31 21.51 12.64
N PHE D 53 -0.06 21.58 12.17
CA PHE D 53 1.04 20.96 12.90
C PHE D 53 1.30 21.66 14.23
N ASN D 54 1.21 22.99 14.25
CA ASN D 54 1.41 23.76 15.46
C ASN D 54 0.11 24.35 16.00
N ALA D 55 -1.04 23.83 15.56
CA ALA D 55 -2.36 24.21 16.03
C ALA D 55 -2.69 25.67 15.77
N ASP D 56 -2.00 26.32 14.82
CA ASP D 56 -2.32 27.70 14.49
C ASP D 56 -3.70 27.83 13.86
N SER D 57 -4.25 26.76 13.30
CA SER D 57 -5.58 26.77 12.70
C SER D 57 -6.22 25.41 12.88
N SER D 58 -7.54 25.41 13.03
CA SER D 58 -8.32 24.19 13.14
C SER D 58 -9.63 24.37 12.39
N TYR D 59 -10.11 23.28 11.79
CA TYR D 59 -11.30 23.31 10.97
C TYR D 59 -12.23 22.17 11.37
N TYR D 60 -13.53 22.43 11.33
CA TYR D 60 -14.55 21.44 11.68
C TYR D 60 -15.62 21.41 10.59
N SER D 61 -16.37 20.31 10.58
CA SER D 61 -17.51 20.21 9.68
C SER D 61 -18.72 20.90 10.30
N ASP D 62 -19.67 21.27 9.44
CA ASP D 62 -20.85 22.00 9.90
C ASP D 62 -21.70 21.16 10.85
N THR D 63 -21.65 19.83 10.71
CA THR D 63 -22.50 18.97 11.53
C THR D 63 -21.99 18.92 12.97
N VAL D 64 -20.67 18.96 13.17
CA VAL D 64 -20.07 18.77 14.48
C VAL D 64 -19.49 20.05 15.03
N LYS D 65 -19.80 21.19 14.42
CA LYS D 65 -19.26 22.47 14.90
C LYS D 65 -19.77 22.77 16.30
N GLY D 66 -18.88 23.24 17.16
CA GLY D 66 -19.23 23.62 18.52
C GLY D 66 -19.19 22.50 19.55
N ARG D 67 -19.76 21.35 19.21
CA ARG D 67 -19.79 20.23 20.16
C ARG D 67 -18.57 19.34 20.07
N PHE D 68 -17.92 19.27 18.91
CA PHE D 68 -16.67 18.53 18.75
C PHE D 68 -15.49 19.49 18.88
N THR D 69 -14.39 19.00 19.46
CA THR D 69 -13.21 19.80 19.69
C THR D 69 -11.98 18.97 19.40
N ILE D 70 -11.19 19.40 18.40
CA ILE D 70 -9.94 18.73 18.04
C ILE D 70 -8.79 19.44 18.73
N SER D 71 -7.78 18.66 19.11
CA SER D 71 -6.60 19.19 19.78
C SER D 71 -5.46 18.18 19.60
N ARG D 72 -4.24 18.65 19.84
CA ARG D 72 -3.07 17.81 19.68
C ARG D 72 -2.04 18.12 20.75
N ASP D 73 -1.13 17.18 20.95
CA ASP D 73 0.01 17.34 21.86
C ASP D 73 1.21 16.69 21.17
N ASN D 74 2.06 17.52 20.57
CA ASN D 74 3.20 17.01 19.80
C ASN D 74 4.22 16.30 20.68
N ALA D 75 4.24 16.58 21.99
CA ALA D 75 5.13 15.85 22.88
C ALA D 75 4.68 14.39 23.02
N LYS D 76 3.37 14.16 23.07
CA LYS D 76 2.83 12.80 23.10
C LYS D 76 2.55 12.24 21.71
N ASN D 77 2.80 13.02 20.65
CA ASN D 77 2.61 12.56 19.28
C ASN D 77 1.19 12.07 19.04
N THR D 78 0.21 12.81 19.57
CA THR D 78 -1.17 12.34 19.60
C THR D 78 -2.13 13.49 19.23
N VAL D 79 -3.21 13.12 18.54
CA VAL D 79 -4.32 14.02 18.27
C VAL D 79 -5.56 13.43 18.93
N TYR D 80 -6.42 14.33 19.44
CA TYR D 80 -7.62 13.92 20.17
C TYR D 80 -8.84 14.60 19.58
N LEU D 81 -10.00 13.96 19.76
CA LEU D 81 -11.27 14.49 19.28
C LEU D 81 -12.28 14.41 20.42
N GLN D 82 -12.46 15.51 21.14
CA GLN D 82 -13.47 15.57 22.18
C GLN D 82 -14.85 15.69 21.55
N MET D 83 -15.72 14.72 21.82
CA MET D 83 -17.06 14.66 21.23
C MET D 83 -18.08 14.83 22.35
N ASN D 84 -18.71 15.99 22.42
CA ASN D 84 -19.73 16.29 23.41
C ASN D 84 -21.09 16.38 22.74
N SER D 85 -22.14 16.08 23.50
CA SER D 85 -23.52 16.13 23.04
C SER D 85 -23.70 15.31 21.75
N LEU D 86 -23.49 14.01 21.88
CA LEU D 86 -23.55 13.11 20.73
C LEU D 86 -24.98 12.70 20.42
N LYS D 87 -25.29 12.61 19.14
CA LYS D 87 -26.57 12.20 18.62
C LYS D 87 -26.49 10.80 18.04
N PRO D 88 -27.62 10.14 17.79
CA PRO D 88 -27.59 8.88 17.04
C PRO D 88 -27.05 9.03 15.63
N GLU D 89 -26.88 10.26 15.13
CA GLU D 89 -26.22 10.48 13.85
C GLU D 89 -24.70 10.40 13.96
N ASP D 90 -24.15 10.42 15.17
CA ASP D 90 -22.71 10.29 15.37
C ASP D 90 -22.24 8.85 15.33
N THR D 91 -23.16 7.88 15.32
CA THR D 91 -22.79 6.47 15.22
C THR D 91 -22.06 6.20 13.92
N ALA D 92 -20.77 5.86 14.01
CA ALA D 92 -19.95 5.63 12.83
C ALA D 92 -18.62 5.06 13.28
N VAL D 93 -17.81 4.65 12.32
CA VAL D 93 -16.41 4.30 12.55
C VAL D 93 -15.58 5.53 12.24
N TYR D 94 -14.78 5.97 13.21
CA TYR D 94 -14.06 7.23 13.11
C TYR D 94 -12.62 6.96 12.71
N TYR D 95 -12.18 7.59 11.62
CA TYR D 95 -10.85 7.40 11.07
C TYR D 95 -9.95 8.57 11.42
N CYS D 96 -8.68 8.28 11.65
CA CYS D 96 -7.67 9.29 11.90
C CYS D 96 -6.82 9.46 10.64
N VAL D 97 -6.50 10.71 10.32
CA VAL D 97 -5.79 11.03 9.09
C VAL D 97 -4.55 11.86 9.42
N ALA D 98 -3.55 11.74 8.56
CA ALA D 98 -2.34 12.55 8.63
C ALA D 98 -1.96 13.00 7.23
N GLY D 99 -1.52 14.26 7.14
CA GLY D 99 -1.17 14.80 5.83
C GLY D 99 -0.49 16.14 5.97
N GLY D 100 -0.30 16.78 4.82
CA GLY D 100 0.36 18.08 4.81
C GLY D 100 -0.57 19.21 5.21
N ASN D 101 0.05 20.30 5.66
CA ASN D 101 -0.70 21.51 6.01
C ASN D 101 -0.92 22.31 4.73
N HIS D 102 -2.16 22.30 4.24
CA HIS D 102 -2.46 22.87 2.93
C HIS D 102 -2.56 24.38 2.99
N TYR D 103 -2.13 25.03 1.89
CA TYR D 103 -2.31 26.47 1.75
C TYR D 103 -3.79 26.82 1.70
N ASP D 104 -4.55 26.11 0.87
CA ASP D 104 -6.00 26.29 0.79
C ASP D 104 -6.68 25.35 1.79
N SER D 105 -7.51 25.93 2.66
CA SER D 105 -8.14 25.15 3.72
C SER D 105 -9.16 24.15 3.16
N ALA D 106 -9.74 24.44 2.00
CA ALA D 106 -10.72 23.53 1.41
C ALA D 106 -10.10 22.16 1.10
N ARG D 107 -8.79 22.12 0.87
CA ARG D 107 -8.08 20.89 0.53
C ARG D 107 -7.84 20.03 1.76
N TYR D 108 -8.94 19.70 2.45
CA TYR D 108 -8.88 18.88 3.65
C TYR D 108 -9.96 17.81 3.61
N PHE D 109 -10.10 17.13 2.45
CA PHE D 109 -11.18 16.16 2.23
C PHE D 109 -10.64 14.92 1.50
N SER D 110 -9.87 14.11 2.23
CA SER D 110 -9.43 12.77 1.78
C SER D 110 -8.61 12.90 0.49
N GLU D 111 -8.57 11.83 -0.30
CA GLU D 111 -7.91 11.81 -1.61
C GLU D 111 -6.43 12.16 -1.42
N ARG D 112 -5.84 12.91 -2.35
CA ARG D 112 -4.47 13.38 -2.21
C ARG D 112 -4.30 14.32 -1.02
N GLU D 113 -5.39 14.92 -0.53
CA GLU D 113 -5.28 15.93 0.52
C GLU D 113 -4.73 15.35 1.81
N TRP D 114 -5.08 14.11 2.12
CA TRP D 114 -4.56 13.43 3.31
C TRP D 114 -3.62 12.31 2.86
N ASP D 115 -2.46 12.23 3.51
CA ASP D 115 -1.46 11.25 3.12
C ASP D 115 -1.75 9.86 3.69
N TYR D 116 -2.15 9.80 4.96
CA TYR D 116 -2.33 8.53 5.66
C TYR D 116 -3.70 8.50 6.32
N LEU D 117 -4.27 7.30 6.40
CA LEU D 117 -5.59 7.09 6.98
C LEU D 117 -5.54 5.87 7.88
N GLY D 118 -6.00 6.03 9.11
CA GLY D 118 -6.01 4.94 10.06
C GLY D 118 -7.04 3.88 9.73
N ARG D 119 -7.02 2.81 10.52
CA ARG D 119 -7.96 1.70 10.32
C ARG D 119 -9.36 2.02 10.83
N GLY D 120 -9.48 2.93 11.77
CA GLY D 120 -10.78 3.34 12.26
C GLY D 120 -11.16 2.67 13.56
N THR D 121 -11.90 3.39 14.39
CA THR D 121 -12.48 2.85 15.61
C THR D 121 -13.97 3.19 15.63
N GLN D 122 -14.77 2.28 16.14
CA GLN D 122 -16.22 2.41 16.09
C GLN D 122 -16.72 3.16 17.31
N VAL D 123 -17.41 4.27 17.08
CA VAL D 123 -18.15 5.00 18.11
C VAL D 123 -19.62 4.90 17.77
N THR D 124 -20.44 4.49 18.74
CA THR D 124 -21.87 4.41 18.56
C THR D 124 -22.56 5.10 19.73
N VAL D 125 -23.65 5.78 19.43
CA VAL D 125 -24.43 6.52 20.40
C VAL D 125 -25.77 5.80 20.53
N SER D 126 -25.98 5.15 21.67
CA SER D 126 -27.22 4.42 21.90
C SER D 126 -28.37 5.36 22.23
N GLN E 1 23.18 31.70 22.87
CA GLN E 1 21.87 32.32 22.92
C GLN E 1 21.96 33.82 22.58
N VAL E 2 20.91 34.33 21.93
CA VAL E 2 20.92 35.71 21.47
C VAL E 2 20.85 36.66 22.66
N GLN E 3 21.63 37.73 22.60
CA GLN E 3 21.58 38.81 23.58
C GLN E 3 21.18 40.10 22.88
N LEU E 4 20.37 40.91 23.55
CA LEU E 4 19.86 42.15 22.99
C LEU E 4 20.34 43.34 23.80
N VAL E 5 20.79 44.38 23.11
CA VAL E 5 21.31 45.60 23.73
C VAL E 5 20.64 46.78 23.06
N GLU E 6 19.78 47.48 23.80
CA GLU E 6 19.13 48.68 23.28
C GLU E 6 20.08 49.88 23.36
N SER E 7 19.75 50.91 22.57
CA SER E 7 20.53 52.14 22.57
C SER E 7 19.70 53.23 21.90
N GLY E 8 20.07 54.48 22.17
CA GLY E 8 19.43 55.63 21.56
C GLY E 8 18.66 56.51 22.52
N GLY E 9 18.50 56.10 23.78
CA GLY E 9 17.79 56.93 24.73
C GLY E 9 18.49 58.25 24.97
N ASP E 10 17.69 59.27 25.24
CA ASP E 10 18.18 60.64 25.42
C ASP E 10 17.04 61.48 25.97
N LEU E 11 17.31 62.78 26.14
CA LEU E 11 16.31 63.75 26.54
C LEU E 11 15.81 64.48 25.30
N VAL E 12 14.50 64.49 25.11
CA VAL E 12 13.86 65.14 23.98
C VAL E 12 12.85 66.15 24.53
N GLN E 13 12.48 67.09 23.67
CA GLN E 13 11.43 68.04 24.03
C GLN E 13 10.17 67.73 23.23
N PRO E 14 8.99 68.06 23.75
CA PRO E 14 7.74 67.67 23.10
C PRO E 14 7.72 68.03 21.62
N GLY E 15 7.22 67.10 20.81
CA GLY E 15 7.24 67.24 19.37
C GLY E 15 8.48 66.73 18.69
N GLY E 16 9.54 66.43 19.44
CA GLY E 16 10.76 65.93 18.86
C GLY E 16 10.63 64.48 18.40
N SER E 17 11.75 63.96 17.90
CA SER E 17 11.81 62.60 17.38
C SER E 17 13.06 61.91 17.89
N LEU E 18 12.95 60.60 18.07
CA LEU E 18 14.06 59.77 18.53
C LEU E 18 14.02 58.44 17.79
N LYS E 19 15.19 57.80 17.73
CA LYS E 19 15.35 56.52 17.04
C LYS E 19 16.18 55.60 17.92
N LEU E 20 15.55 54.52 18.41
CA LEU E 20 16.24 53.53 19.21
C LEU E 20 16.70 52.37 18.34
N SER E 21 17.76 51.70 18.79
CA SER E 21 18.36 50.61 18.05
C SER E 21 18.48 49.40 18.97
N CYS E 22 17.92 48.27 18.54
CA CYS E 22 18.02 46.99 19.25
C CYS E 22 18.97 46.12 18.44
N VAL E 23 20.24 46.06 18.87
CA VAL E 23 21.26 45.26 18.20
C VAL E 23 21.46 43.96 18.97
N ALA E 24 21.55 42.85 18.24
CA ALA E 24 21.62 41.53 18.83
C ALA E 24 23.06 41.04 18.79
N SER E 25 23.70 40.96 19.96
CA SER E 25 24.98 40.29 20.06
C SER E 25 24.77 38.78 20.06
N GLU E 26 25.86 38.04 19.80
CA GLU E 26 25.84 36.58 19.73
C GLU E 26 24.92 36.09 18.61
N GLY E 27 23.81 35.45 18.96
CA GLY E 27 22.96 34.83 17.96
C GLY E 27 22.35 35.84 16.98
N PHE E 28 22.09 35.37 15.76
CA PHE E 28 21.55 36.23 14.72
C PHE E 28 20.08 36.53 14.96
N LEU E 29 19.70 37.80 14.77
CA LEU E 29 18.37 38.26 15.11
C LEU E 29 17.34 37.99 14.02
N ALA E 30 17.79 37.69 12.79
CA ALA E 30 16.86 37.53 11.68
C ALA E 30 15.90 36.36 11.88
N TYR E 31 16.27 35.37 12.69
CA TYR E 31 15.42 34.22 12.96
C TYR E 31 14.45 34.47 14.10
N TYR E 32 14.30 35.71 14.54
CA TYR E 32 13.47 36.04 15.70
C TYR E 32 12.47 37.12 15.35
N TYR E 33 11.25 36.97 15.88
CA TYR E 33 10.35 38.11 15.97
C TYR E 33 10.83 39.05 17.07
N VAL E 34 10.68 40.35 16.85
CA VAL E 34 11.17 41.35 17.77
C VAL E 34 10.05 42.32 18.12
N GLY E 35 9.90 42.62 19.40
CA GLY E 35 8.92 43.58 19.86
C GLY E 35 9.59 44.66 20.68
N TRP E 36 9.00 45.85 20.65
CA TRP E 36 9.46 46.99 21.43
C TRP E 36 8.49 47.22 22.59
N PHE E 37 9.04 47.34 23.79
CA PHE E 37 8.24 47.54 24.99
C PHE E 37 8.76 48.73 25.76
N ARG E 38 7.90 49.29 26.60
CA ARG E 38 8.27 50.43 27.44
C ARG E 38 7.64 50.27 28.81
N GLN E 39 8.28 50.88 29.81
CA GLN E 39 7.85 50.78 31.20
C GLN E 39 7.92 52.17 31.82
N ALA E 40 6.77 52.81 31.99
CA ALA E 40 6.70 54.10 32.65
C ALA E 40 6.88 53.93 34.16
N PRO E 41 7.32 54.97 34.85
CA PRO E 41 7.46 54.87 36.31
C PRO E 41 6.11 54.57 36.97
N GLY E 42 6.13 53.61 37.90
CA GLY E 42 4.93 53.20 38.58
C GLY E 42 3.94 52.43 37.73
N LYS E 43 4.33 51.98 36.55
CA LYS E 43 3.41 51.31 35.64
C LYS E 43 4.00 50.03 35.10
N GLU E 44 3.10 49.18 34.64
CA GLU E 44 3.40 47.88 34.05
C GLU E 44 4.08 48.04 32.69
N ARG E 45 4.86 47.03 32.32
CA ARG E 45 5.47 47.01 31.00
C ARG E 45 4.39 46.88 29.93
N GLU E 46 4.50 47.70 28.89
CA GLU E 46 3.48 47.78 27.85
C GLU E 46 4.13 47.66 26.49
N GLY E 47 3.48 46.91 25.60
CA GLY E 47 4.00 46.73 24.26
C GLY E 47 3.80 47.98 23.43
N VAL E 48 4.84 48.41 22.73
CA VAL E 48 4.82 49.61 21.91
C VAL E 48 4.81 49.27 20.43
N ALA E 49 5.75 48.44 19.99
CA ALA E 49 5.92 48.13 18.58
C ALA E 49 6.15 46.64 18.41
N CYS E 50 6.24 46.21 17.16
CA CYS E 50 6.07 44.80 16.84
C CYS E 50 6.52 44.54 15.40
N THR E 51 7.28 43.46 15.20
CA THR E 51 7.71 43.09 13.85
C THR E 51 7.91 41.58 13.77
N SER E 52 7.88 41.08 12.53
CA SER E 52 8.17 39.69 12.23
C SER E 52 9.64 39.54 11.85
N SER E 53 10.02 38.32 11.48
CA SER E 53 11.42 38.04 11.16
C SER E 53 11.88 38.86 9.96
N SER E 54 11.08 38.88 8.90
CA SER E 54 11.43 39.61 7.69
C SER E 54 10.91 41.04 7.69
N GLY E 55 10.17 41.45 8.71
CA GLY E 55 9.49 42.73 8.65
C GLY E 55 8.29 42.76 7.73
N TYR E 56 7.82 41.59 7.29
CA TYR E 56 6.66 41.54 6.41
C TYR E 56 5.38 41.85 7.18
N SER E 57 5.29 41.41 8.42
CA SER E 57 4.19 41.73 9.30
C SER E 57 4.71 42.54 10.48
N THR E 58 4.13 43.72 10.70
CA THR E 58 4.47 44.56 11.83
C THR E 58 3.19 45.03 12.50
N ASP E 59 3.34 45.57 13.70
CA ASP E 59 2.23 46.14 14.43
C ASP E 59 2.73 47.25 15.33
N ILE E 60 1.85 48.21 15.61
CA ILE E 60 2.15 49.32 16.49
C ILE E 60 0.99 49.44 17.48
N ALA E 61 1.33 49.67 18.75
CA ALA E 61 0.31 49.79 19.78
C ALA E 61 -0.58 51.00 19.50
N ASP E 62 -1.79 50.96 20.06
CA ASP E 62 -2.76 52.03 19.84
C ASP E 62 -2.24 53.40 20.28
N PRO E 63 -1.64 53.57 21.46
CA PRO E 63 -1.14 54.91 21.84
C PRO E 63 0.02 55.39 20.99
N ALA E 64 0.58 54.56 20.11
CA ALA E 64 1.68 54.94 19.25
C ALA E 64 1.34 54.87 17.77
N LYS E 65 0.16 54.38 17.41
CA LYS E 65 -0.22 54.29 16.01
C LYS E 65 -0.32 55.68 15.40
N GLY E 66 0.32 55.87 14.24
CA GLY E 66 0.38 57.17 13.62
C GLY E 66 1.55 58.03 14.05
N ARG E 67 2.36 57.57 14.99
CA ARG E 67 3.54 58.28 15.47
C ARG E 67 4.79 57.43 15.45
N PHE E 68 4.71 56.18 15.90
CA PHE E 68 5.87 55.30 15.99
C PHE E 68 5.91 54.38 14.77
N SER E 69 7.13 53.99 14.39
CA SER E 69 7.32 53.10 13.26
C SER E 69 8.47 52.15 13.57
N ILE E 70 8.33 50.91 13.13
CA ILE E 70 9.30 49.86 13.40
C ILE E 70 9.88 49.38 12.08
N ASP E 71 11.18 49.11 12.07
CA ASP E 71 11.89 48.57 10.92
C ASP E 71 13.05 47.74 11.45
N ARG E 72 13.63 46.93 10.57
CA ARG E 72 14.79 46.12 10.95
C ARG E 72 15.79 46.10 9.81
N ASP E 73 16.98 45.59 10.12
CA ASP E 73 18.07 45.45 9.16
C ASP E 73 18.82 44.17 9.54
N ASN E 74 18.34 43.04 9.02
CA ASN E 74 18.91 41.76 9.39
C ASN E 74 20.36 41.62 8.96
N ALA E 75 20.81 42.42 8.00
CA ALA E 75 22.23 42.43 7.65
C ALA E 75 23.08 43.02 8.77
N LYS E 76 22.49 43.88 9.59
CA LYS E 76 23.22 44.47 10.72
C LYS E 76 22.71 43.96 12.06
N ASN E 77 21.84 42.93 12.06
CA ASN E 77 21.37 42.28 13.28
C ASN E 77 20.69 43.27 14.21
N THR E 78 19.87 44.15 13.65
CA THR E 78 19.30 45.27 14.39
C THR E 78 17.83 45.45 14.03
N VAL E 79 17.05 45.87 15.02
CA VAL E 79 15.67 46.28 14.84
C VAL E 79 15.53 47.69 15.37
N TYR E 80 14.86 48.55 14.61
CA TYR E 80 14.77 49.97 14.92
C TYR E 80 13.36 50.35 15.35
N LEU E 81 13.27 51.36 16.20
CA LEU E 81 12.00 51.98 16.58
C LEU E 81 12.11 53.47 16.36
N GLN E 82 11.30 54.00 15.44
CA GLN E 82 11.32 55.41 15.09
C GLN E 82 10.16 56.09 15.81
N MET E 83 10.47 56.98 16.74
CA MET E 83 9.48 57.72 17.51
C MET E 83 9.37 59.14 16.97
N ASN E 84 8.13 59.64 16.92
CA ASN E 84 7.86 60.99 16.45
C ASN E 84 6.77 61.62 17.30
N ILE E 85 6.69 62.95 17.23
CA ILE E 85 5.72 63.75 17.98
C ILE E 85 5.72 63.31 19.43
N LEU E 86 6.90 63.21 20.02
CA LEU E 86 7.04 62.68 21.38
C LEU E 86 6.31 63.56 22.38
N LYS E 87 5.42 62.95 23.15
CA LYS E 87 4.69 63.60 24.21
C LYS E 87 5.17 63.11 25.57
N PRO E 88 5.01 63.90 26.64
CA PRO E 88 5.47 63.48 27.97
C PRO E 88 4.97 62.09 28.38
N GLU E 89 3.85 61.64 27.83
CA GLU E 89 3.36 60.29 28.15
C GLU E 89 4.31 59.20 27.67
N ASP E 90 5.25 59.53 26.77
CA ASP E 90 6.20 58.56 26.25
C ASP E 90 7.44 58.43 27.11
N THR E 91 7.52 59.13 28.22
CA THR E 91 8.67 59.01 29.12
C THR E 91 8.64 57.64 29.78
N ALA E 92 9.66 56.83 29.50
CA ALA E 92 9.75 55.46 30.01
C ALA E 92 11.11 54.89 29.62
N VAL E 93 11.40 53.72 30.16
CA VAL E 93 12.53 52.90 29.71
C VAL E 93 12.01 51.99 28.61
N TYR E 94 12.72 51.96 27.48
CA TYR E 94 12.27 51.22 26.31
C TYR E 94 13.09 49.95 26.14
N PHE E 95 12.39 48.82 26.05
CA PHE E 95 12.99 47.50 25.91
C PHE E 95 12.67 46.92 24.54
N CYS E 96 13.59 46.10 24.04
CA CYS E 96 13.32 45.24 22.91
C CYS E 96 13.41 43.79 23.37
N ALA E 97 12.62 42.93 22.73
CA ALA E 97 12.50 41.54 23.14
C ALA E 97 12.39 40.66 21.91
N ALA E 98 12.98 39.47 21.98
CA ALA E 98 13.05 38.56 20.85
C ALA E 98 12.40 37.23 21.22
N ILE E 99 11.54 36.73 20.33
CA ILE E 99 11.01 35.39 20.42
C ILE E 99 11.35 34.67 19.11
N ASP E 100 11.82 33.43 19.23
CA ASP E 100 12.24 32.65 18.07
C ASP E 100 11.05 32.42 17.13
N GLN E 101 11.30 32.59 15.83
CA GLN E 101 10.28 32.29 14.83
C GLN E 101 9.91 30.82 14.89
N MET E 102 8.77 30.49 14.27
CA MET E 102 8.08 29.20 14.40
C MET E 102 7.36 29.13 15.75
N THR E 103 8.04 29.53 16.82
CA THR E 103 7.34 29.71 18.10
C THR E 103 6.41 30.91 18.04
N ALA E 104 6.88 32.01 17.45
CA ALA E 104 6.02 33.18 17.27
C ALA E 104 4.91 32.91 16.26
N VAL E 105 5.19 32.11 15.24
CA VAL E 105 4.19 31.80 14.22
C VAL E 105 3.03 31.00 14.79
N ARG E 106 3.25 30.26 15.88
CA ARG E 106 2.18 29.49 16.51
C ARG E 106 0.98 30.36 16.84
N SER E 107 1.20 31.63 17.16
CA SER E 107 0.12 32.57 17.43
C SER E 107 -0.30 33.28 16.15
N GLN E 108 -1.59 33.50 15.99
CA GLN E 108 -2.10 34.21 14.82
C GLN E 108 -1.91 35.71 15.01
N GLY E 109 -2.02 36.44 13.90
CA GLY E 109 -1.80 37.87 13.89
C GLY E 109 -0.45 38.19 13.29
N PRO E 110 -0.16 39.49 13.13
CA PRO E 110 1.13 39.87 12.55
C PRO E 110 2.30 39.47 13.42
N CYS E 111 2.19 39.72 14.72
CA CYS E 111 3.24 39.46 15.70
C CYS E 111 2.71 39.80 17.08
N SER E 112 3.51 39.59 18.12
CA SER E 112 3.07 39.76 19.49
C SER E 112 3.53 41.09 20.07
N MET E 113 2.62 41.78 20.74
CA MET E 113 2.94 42.95 21.55
C MET E 113 2.71 42.69 23.03
N THR E 114 2.79 41.42 23.43
CA THR E 114 2.52 40.99 24.79
C THR E 114 3.84 40.64 25.49
N PRO E 115 4.16 41.29 26.62
CA PRO E 115 5.46 41.03 27.26
C PRO E 115 5.67 39.58 27.68
N ASN E 116 4.61 38.90 28.13
CA ASN E 116 4.76 37.55 28.64
C ASN E 116 5.17 36.55 27.56
N ASP E 117 5.00 36.89 26.28
CA ASP E 117 5.27 35.95 25.20
C ASP E 117 6.73 35.92 24.77
N TYR E 118 7.50 36.97 25.02
CA TYR E 118 8.80 37.10 24.36
C TYR E 118 9.92 36.42 25.14
N HIS E 119 9.93 36.54 26.46
CA HIS E 119 10.83 35.82 27.35
C HIS E 119 12.28 36.33 27.30
N ASP E 120 12.83 36.53 26.11
CA ASP E 120 14.17 37.10 25.97
C ASP E 120 14.09 38.62 25.96
N TRP E 121 15.00 39.27 26.69
CA TRP E 121 14.92 40.70 26.90
C TRP E 121 16.29 41.34 26.88
N GLY E 122 16.30 42.65 26.67
CA GLY E 122 17.47 43.47 26.80
C GLY E 122 17.42 44.32 28.07
N GLN E 123 18.49 45.08 28.27
CA GLN E 123 18.61 45.87 29.50
C GLN E 123 17.75 47.14 29.47
N GLY E 124 17.36 47.61 28.29
CA GLY E 124 16.53 48.79 28.18
C GLY E 124 17.32 50.07 27.98
N THR E 125 16.60 51.11 27.58
CA THR E 125 17.19 52.44 27.42
C THR E 125 16.16 53.48 27.84
N GLN E 126 16.61 54.49 28.57
CA GLN E 126 15.70 55.48 29.14
C GLN E 126 15.40 56.57 28.12
N VAL E 127 14.13 56.92 27.98
CA VAL E 127 13.68 58.00 27.11
C VAL E 127 12.89 58.99 27.96
N THR E 128 13.40 60.19 28.10
CA THR E 128 12.74 61.27 28.82
C THR E 128 12.40 62.38 27.84
N VAL E 129 11.16 62.87 27.89
CA VAL E 129 10.72 63.98 27.07
C VAL E 129 10.15 65.05 28.00
N SER E 130 10.58 66.29 27.80
CA SER E 130 10.24 67.39 28.69
C SER E 130 8.75 67.74 28.57
N SER E 131 8.36 68.80 29.27
CA SER E 131 6.97 69.24 29.30
C SER E 131 6.64 70.13 28.12
N GLN F 1 13.12 -42.03 -8.26
CA GLN F 1 12.18 -42.15 -9.36
C GLN F 1 11.35 -43.43 -9.22
N VAL F 2 10.14 -43.40 -9.77
CA VAL F 2 9.21 -44.51 -9.67
C VAL F 2 9.54 -45.57 -10.70
N GLN F 3 9.52 -46.84 -10.28
CA GLN F 3 9.69 -47.98 -11.16
C GLN F 3 8.40 -48.79 -11.16
N LEU F 4 8.01 -49.28 -12.33
CA LEU F 4 6.76 -50.01 -12.52
C LEU F 4 7.03 -51.45 -12.94
N VAL F 5 6.21 -52.36 -12.45
CA VAL F 5 6.30 -53.78 -12.78
C VAL F 5 4.89 -54.32 -12.99
N GLU F 6 4.63 -54.85 -14.19
CA GLU F 6 3.34 -55.45 -14.49
C GLU F 6 3.36 -56.94 -14.19
N SER F 7 2.19 -57.49 -13.87
CA SER F 7 2.06 -58.90 -13.56
C SER F 7 0.64 -59.35 -13.83
N GLY F 8 0.41 -60.65 -13.70
CA GLY F 8 -0.90 -61.23 -13.91
C GLY F 8 -1.19 -61.66 -15.33
N GLY F 9 -0.32 -61.33 -16.29
CA GLY F 9 -0.55 -61.75 -17.65
C GLY F 9 -0.38 -63.26 -17.79
N ASP F 10 -1.29 -63.86 -18.55
CA ASP F 10 -1.31 -65.31 -18.74
C ASP F 10 -2.06 -65.62 -20.02
N LEU F 11 -2.11 -66.91 -20.35
CA LEU F 11 -2.88 -67.38 -21.49
C LEU F 11 -4.28 -67.79 -21.01
N VAL F 12 -5.30 -67.21 -21.64
CA VAL F 12 -6.68 -67.52 -21.34
C VAL F 12 -7.40 -67.81 -22.65
N GLN F 13 -8.57 -68.39 -22.55
CA GLN F 13 -9.35 -68.73 -23.73
C GLN F 13 -10.43 -67.68 -23.96
N PRO F 14 -10.92 -67.56 -25.19
CA PRO F 14 -11.96 -66.56 -25.50
C PRO F 14 -13.10 -66.59 -24.50
N GLY F 15 -13.53 -65.40 -24.08
CA GLY F 15 -14.50 -65.25 -23.03
C GLY F 15 -13.93 -65.29 -21.63
N GLY F 16 -12.60 -65.40 -21.49
CA GLY F 16 -11.97 -65.48 -20.19
C GLY F 16 -11.89 -64.14 -19.49
N SER F 17 -11.37 -64.17 -18.26
CA SER F 17 -11.25 -62.99 -17.44
C SER F 17 -9.87 -62.98 -16.79
N LEU F 18 -9.12 -61.91 -17.03
CA LEU F 18 -7.78 -61.75 -16.48
C LEU F 18 -7.68 -60.42 -15.74
N LYS F 19 -7.00 -60.42 -14.61
CA LYS F 19 -6.76 -59.21 -13.83
C LYS F 19 -5.27 -58.90 -13.85
N LEU F 20 -4.91 -57.75 -14.41
CA LEU F 20 -3.52 -57.32 -14.49
C LEU F 20 -3.21 -56.38 -13.33
N SER F 21 -2.00 -56.48 -12.81
CA SER F 21 -1.56 -55.69 -11.67
C SER F 21 -0.34 -54.86 -12.04
N CYS F 22 -0.35 -53.59 -11.64
CA CYS F 22 0.76 -52.66 -11.86
C CYS F 22 1.23 -52.17 -10.49
N VAL F 23 2.21 -52.85 -9.92
CA VAL F 23 2.78 -52.47 -8.63
C VAL F 23 4.00 -51.61 -8.89
N ALA F 24 4.11 -50.50 -8.16
CA ALA F 24 5.21 -49.56 -8.33
C ALA F 24 6.27 -49.84 -7.27
N SER F 25 7.46 -50.26 -7.71
CA SER F 25 8.60 -50.33 -6.82
C SER F 25 9.20 -48.92 -6.68
N GLU F 26 10.06 -48.76 -5.67
CA GLU F 26 10.64 -47.46 -5.35
C GLU F 26 9.59 -46.41 -5.05
N GLY F 27 9.47 -45.42 -5.94
CA GLY F 27 8.59 -44.29 -5.68
C GLY F 27 7.14 -44.69 -5.54
N PHE F 28 6.43 -43.96 -4.67
CA PHE F 28 5.04 -44.26 -4.39
C PHE F 28 4.14 -43.87 -5.56
N LEU F 29 3.20 -44.75 -5.89
CA LEU F 29 2.34 -44.59 -7.05
C LEU F 29 1.15 -43.66 -6.79
N ALA F 30 0.91 -43.27 -5.55
CA ALA F 30 -0.26 -42.45 -5.24
C ALA F 30 -0.16 -41.04 -5.79
N TYR F 31 1.01 -40.59 -6.22
CA TYR F 31 1.21 -39.25 -6.74
C TYR F 31 1.25 -39.22 -8.27
N TYR F 32 0.74 -40.26 -8.94
CA TYR F 32 0.88 -40.39 -10.38
C TYR F 32 -0.45 -40.79 -11.00
N TYR F 33 -0.80 -40.14 -12.11
CA TYR F 33 -1.84 -40.66 -12.99
C TYR F 33 -1.30 -41.89 -13.71
N VAL F 34 -2.07 -42.97 -13.71
CA VAL F 34 -1.62 -44.25 -14.28
C VAL F 34 -2.52 -44.60 -15.46
N GLY F 35 -1.89 -45.11 -16.52
CA GLY F 35 -2.63 -45.59 -17.68
C GLY F 35 -2.18 -46.98 -18.07
N TRP F 36 -3.11 -47.73 -18.67
CA TRP F 36 -2.83 -49.07 -19.16
C TRP F 36 -2.79 -49.04 -20.69
N PHE F 37 -1.72 -49.61 -21.25
CA PHE F 37 -1.50 -49.61 -22.68
C PHE F 37 -1.20 -51.02 -23.15
N ARG F 38 -1.42 -51.28 -24.44
CA ARG F 38 -1.14 -52.60 -25.01
C ARG F 38 -0.48 -52.43 -26.37
N GLN F 39 0.47 -53.32 -26.67
CA GLN F 39 1.15 -53.36 -27.95
C GLN F 39 1.13 -54.79 -28.49
N ALA F 40 1.05 -54.91 -29.81
CA ALA F 40 0.93 -56.20 -30.46
C ALA F 40 1.66 -56.14 -31.79
N PRO F 41 2.04 -57.29 -32.35
CA PRO F 41 2.63 -57.30 -33.69
C PRO F 41 1.65 -56.78 -34.72
N GLY F 42 2.15 -55.91 -35.61
CA GLY F 42 1.29 -55.26 -36.56
C GLY F 42 0.39 -54.19 -35.98
N LYS F 43 0.48 -53.95 -34.67
CA LYS F 43 -0.39 -53.01 -33.97
C LYS F 43 0.45 -51.95 -33.29
N GLU F 44 0.20 -50.69 -33.61
CA GLU F 44 0.80 -49.61 -32.86
C GLU F 44 0.23 -49.59 -31.44
N ARG F 45 1.09 -49.22 -30.48
CA ARG F 45 0.67 -49.18 -29.08
C ARG F 45 -0.54 -48.28 -28.92
N GLU F 46 -1.57 -48.78 -28.24
CA GLU F 46 -2.81 -48.05 -28.06
C GLU F 46 -3.17 -47.96 -26.59
N GLY F 47 -3.88 -46.90 -26.23
CA GLY F 47 -4.37 -46.77 -24.88
C GLY F 47 -5.57 -47.67 -24.63
N VAL F 48 -5.67 -48.16 -23.39
CA VAL F 48 -6.73 -49.08 -22.99
C VAL F 48 -7.54 -48.54 -21.82
N ALA F 49 -6.85 -48.00 -20.81
CA ALA F 49 -7.51 -47.44 -19.64
C ALA F 49 -6.56 -46.46 -18.97
N CYS F 50 -7.13 -45.57 -18.16
CA CYS F 50 -6.34 -44.63 -17.39
C CYS F 50 -7.15 -44.22 -16.17
N THR F 51 -6.44 -43.93 -15.07
CA THR F 51 -7.06 -43.49 -13.83
C THR F 51 -6.34 -42.26 -13.30
N SER F 52 -7.10 -41.39 -12.64
CA SER F 52 -6.49 -40.28 -11.93
C SER F 52 -5.73 -40.80 -10.71
N SER F 53 -5.02 -39.89 -10.05
CA SER F 53 -4.19 -40.26 -8.91
C SER F 53 -5.02 -40.93 -7.81
N SER F 54 -6.26 -40.48 -7.63
CA SER F 54 -7.13 -41.01 -6.59
C SER F 54 -8.12 -42.05 -7.10
N GLY F 55 -8.31 -42.16 -8.42
CA GLY F 55 -9.37 -42.98 -8.95
C GLY F 55 -10.69 -42.27 -9.10
N TYR F 56 -10.73 -40.95 -8.84
CA TYR F 56 -11.97 -40.19 -8.98
C TYR F 56 -12.40 -40.07 -10.44
N SER F 57 -11.45 -40.01 -11.37
CA SER F 57 -11.74 -39.91 -12.79
C SER F 57 -11.02 -41.04 -13.51
N THR F 58 -11.77 -41.81 -14.29
CA THR F 58 -11.22 -42.92 -15.07
C THR F 58 -11.77 -42.87 -16.49
N ASP F 59 -11.13 -43.61 -17.39
CA ASP F 59 -11.56 -43.67 -18.78
C ASP F 59 -11.19 -45.03 -19.35
N ILE F 60 -11.99 -45.50 -20.30
CA ILE F 60 -11.76 -46.76 -21.00
C ILE F 60 -11.80 -46.48 -22.49
N ALA F 61 -10.87 -47.08 -23.24
CA ALA F 61 -10.82 -46.89 -24.68
C ALA F 61 -12.01 -47.58 -25.35
N ASP F 62 -12.33 -47.12 -26.56
CA ASP F 62 -13.50 -47.63 -27.27
C ASP F 62 -13.46 -49.15 -27.49
N PRO F 63 -12.37 -49.76 -27.98
CA PRO F 63 -12.38 -51.22 -28.18
C PRO F 63 -12.51 -52.01 -26.88
N ALA F 64 -12.32 -51.39 -25.72
CA ALA F 64 -12.37 -52.07 -24.44
C ALA F 64 -13.60 -51.72 -23.62
N LYS F 65 -14.47 -50.83 -24.12
CA LYS F 65 -15.59 -50.35 -23.32
C LYS F 65 -16.58 -51.46 -23.04
N GLY F 66 -17.06 -51.51 -21.79
CA GLY F 66 -17.99 -52.54 -21.36
C GLY F 66 -17.33 -53.84 -20.96
N ARG F 67 -16.05 -54.03 -21.25
CA ARG F 67 -15.34 -55.26 -20.92
C ARG F 67 -14.15 -55.02 -20.00
N PHE F 68 -13.48 -53.87 -20.10
CA PHE F 68 -12.31 -53.59 -19.29
C PHE F 68 -12.66 -52.54 -18.24
N SER F 69 -12.11 -52.70 -17.04
CA SER F 69 -12.29 -51.73 -15.97
C SER F 69 -10.96 -51.50 -15.27
N ILE F 70 -10.81 -50.30 -14.70
CA ILE F 70 -9.57 -49.91 -14.06
C ILE F 70 -9.86 -49.55 -12.60
N ASP F 71 -8.95 -49.94 -11.70
CA ASP F 71 -9.08 -49.67 -10.28
C ASP F 71 -7.68 -49.58 -9.70
N ARG F 72 -7.57 -48.98 -8.52
CA ARG F 72 -6.25 -48.83 -7.91
C ARG F 72 -6.36 -48.92 -6.39
N ASP F 73 -5.24 -49.28 -5.76
CA ASP F 73 -5.11 -49.37 -4.31
C ASP F 73 -3.83 -48.62 -3.93
N ASN F 74 -3.99 -47.34 -3.56
CA ASN F 74 -2.81 -46.51 -3.27
C ASN F 74 -2.06 -47.01 -2.04
N ALA F 75 -2.78 -47.59 -1.07
CA ALA F 75 -2.11 -48.17 0.09
C ALA F 75 -1.22 -49.34 -0.30
N LYS F 76 -1.56 -50.04 -1.38
CA LYS F 76 -0.79 -51.17 -1.87
C LYS F 76 0.14 -50.79 -3.02
N ASN F 77 0.16 -49.52 -3.43
CA ASN F 77 1.03 -49.04 -4.51
C ASN F 77 0.75 -49.76 -5.83
N THR F 78 -0.53 -50.03 -6.09
CA THR F 78 -0.92 -50.88 -7.20
C THR F 78 -2.06 -50.24 -7.99
N VAL F 79 -2.07 -50.49 -9.30
CA VAL F 79 -3.18 -50.15 -10.18
C VAL F 79 -3.60 -51.42 -10.92
N TYR F 80 -4.89 -51.74 -10.88
CA TYR F 80 -5.41 -52.98 -11.45
C TYR F 80 -6.15 -52.70 -12.75
N LEU F 81 -6.06 -53.65 -13.67
CA LEU F 81 -6.86 -53.65 -14.90
C LEU F 81 -7.62 -54.96 -14.98
N GLN F 82 -8.95 -54.88 -14.97
CA GLN F 82 -9.82 -56.04 -15.02
C GLN F 82 -10.37 -56.18 -16.43
N MET F 83 -10.07 -57.31 -17.09
CA MET F 83 -10.50 -57.57 -18.45
C MET F 83 -11.44 -58.76 -18.46
N ASN F 84 -12.64 -58.56 -19.01
CA ASN F 84 -13.67 -59.59 -19.10
C ASN F 84 -14.01 -59.81 -20.57
N ILE F 85 -14.71 -60.94 -20.83
CA ILE F 85 -15.06 -61.41 -22.18
C ILE F 85 -13.93 -61.09 -23.15
N LEU F 86 -12.75 -61.63 -22.89
CA LEU F 86 -11.58 -61.34 -23.71
C LEU F 86 -11.72 -61.97 -25.08
N LYS F 87 -11.38 -61.21 -26.11
CA LYS F 87 -11.41 -61.66 -27.49
C LYS F 87 -10.01 -61.97 -27.99
N PRO F 88 -9.88 -62.81 -29.02
CA PRO F 88 -8.54 -63.07 -29.57
C PRO F 88 -7.83 -61.82 -30.07
N GLU F 89 -8.60 -60.78 -30.45
CA GLU F 89 -7.98 -59.52 -30.85
C GLU F 89 -7.34 -58.79 -29.67
N ASP F 90 -7.70 -59.15 -28.44
CA ASP F 90 -7.09 -58.55 -27.25
C ASP F 90 -5.72 -59.12 -26.92
N THR F 91 -5.21 -60.05 -27.73
CA THR F 91 -3.90 -60.63 -27.46
C THR F 91 -2.82 -59.58 -27.68
N ALA F 92 -2.09 -59.25 -26.63
CA ALA F 92 -1.06 -58.22 -26.67
C ALA F 92 -0.30 -58.24 -25.35
N VAL F 93 0.84 -57.56 -25.33
CA VAL F 93 1.57 -57.29 -24.10
C VAL F 93 1.07 -55.97 -23.53
N TYR F 94 0.68 -55.98 -22.27
CA TYR F 94 0.05 -54.83 -21.65
C TYR F 94 1.03 -54.15 -20.69
N PHE F 95 1.23 -52.86 -20.89
CA PHE F 95 2.08 -52.06 -20.02
C PHE F 95 1.22 -51.14 -19.17
N CYS F 96 1.77 -50.76 -18.02
CA CYS F 96 1.25 -49.65 -17.24
C CYS F 96 2.27 -48.54 -17.24
N ALA F 97 1.78 -47.30 -17.21
CA ALA F 97 2.65 -46.13 -17.28
C ALA F 97 2.10 -45.07 -16.34
N ALA F 98 3.01 -44.27 -15.78
CA ALA F 98 2.67 -43.26 -14.80
C ALA F 98 3.16 -41.89 -15.24
N ILE F 99 2.44 -40.87 -14.81
CA ILE F 99 2.83 -39.48 -15.02
C ILE F 99 2.47 -38.69 -13.78
N ASP F 100 3.36 -37.78 -13.37
CA ASP F 100 3.14 -36.99 -12.16
C ASP F 100 1.80 -36.28 -12.23
N GLN F 101 1.06 -36.32 -11.11
CA GLN F 101 -0.31 -35.80 -11.10
C GLN F 101 -0.36 -34.32 -11.49
N MET F 102 0.60 -33.53 -11.02
CA MET F 102 0.60 -32.10 -11.30
C MET F 102 0.80 -31.82 -12.79
N THR F 103 1.50 -32.70 -13.50
CA THR F 103 1.59 -32.60 -14.95
C THR F 103 0.33 -33.10 -15.63
N ALA F 104 -0.33 -34.10 -15.05
CA ALA F 104 -1.49 -34.69 -15.70
C ALA F 104 -2.71 -33.79 -15.60
N VAL F 105 -2.88 -33.08 -14.49
CA VAL F 105 -4.03 -32.20 -14.33
C VAL F 105 -3.98 -30.99 -15.24
N ARG F 106 -2.82 -30.72 -15.86
CA ARG F 106 -2.74 -29.63 -16.83
C ARG F 106 -3.67 -29.87 -18.02
N SER F 107 -3.91 -31.13 -18.37
CA SER F 107 -4.79 -31.49 -19.47
C SER F 107 -6.23 -31.62 -18.97
N GLN F 108 -7.17 -31.28 -19.84
CA GLN F 108 -8.58 -31.41 -19.53
C GLN F 108 -9.04 -32.86 -19.65
N GLY F 109 -10.26 -33.12 -19.20
CA GLY F 109 -10.84 -34.43 -19.30
C GLY F 109 -10.28 -35.39 -18.27
N PRO F 110 -10.72 -36.65 -18.33
CA PRO F 110 -10.21 -37.66 -17.40
C PRO F 110 -8.87 -38.22 -17.88
N CYS F 111 -7.88 -38.23 -16.99
CA CYS F 111 -6.53 -38.71 -17.26
C CYS F 111 -6.04 -38.35 -18.66
N SER F 112 -5.52 -39.32 -19.41
CA SER F 112 -4.96 -39.02 -20.72
C SER F 112 -5.17 -40.14 -21.72
N MET F 113 -4.64 -41.33 -21.43
CA MET F 113 -4.77 -42.51 -22.31
C MET F 113 -4.07 -42.30 -23.65
N THR F 114 -3.04 -41.47 -23.69
CA THR F 114 -2.28 -41.19 -24.90
C THR F 114 -0.85 -41.69 -24.74
N PRO F 115 -0.31 -42.43 -25.72
CA PRO F 115 1.03 -43.01 -25.54
C PRO F 115 2.14 -41.99 -25.39
N ASN F 116 2.03 -40.83 -26.06
CA ASN F 116 3.07 -39.81 -25.93
C ASN F 116 3.15 -39.29 -24.49
N ASP F 117 2.00 -39.07 -23.86
CA ASP F 117 1.97 -38.81 -22.43
C ASP F 117 2.26 -40.11 -21.68
N TYR F 118 2.46 -39.98 -20.36
CA TYR F 118 2.97 -41.08 -19.55
C TYR F 118 4.34 -41.49 -20.05
N HIS F 119 5.41 -41.00 -19.41
CA HIS F 119 6.76 -41.26 -19.90
C HIS F 119 7.52 -42.29 -19.08
N ASP F 120 7.09 -42.58 -17.86
CA ASP F 120 7.63 -43.68 -17.08
C ASP F 120 6.83 -44.95 -17.37
N TRP F 121 7.52 -45.99 -17.82
CA TRP F 121 6.87 -47.20 -18.30
C TRP F 121 7.39 -48.43 -17.59
N GLY F 122 6.50 -49.41 -17.41
CA GLY F 122 6.92 -50.76 -17.08
C GLY F 122 7.32 -51.51 -18.34
N GLN F 123 7.72 -52.77 -18.14
CA GLN F 123 8.19 -53.59 -19.25
C GLN F 123 7.12 -54.50 -19.81
N GLY F 124 5.97 -54.61 -19.15
CA GLY F 124 4.81 -55.28 -19.71
C GLY F 124 4.68 -56.72 -19.24
N THR F 125 3.47 -57.25 -19.46
CA THR F 125 3.16 -58.64 -19.23
C THR F 125 2.33 -59.16 -20.39
N GLN F 126 2.51 -60.44 -20.72
CA GLN F 126 1.92 -61.01 -21.93
C GLN F 126 0.52 -61.52 -21.65
N VAL F 127 -0.41 -61.19 -22.54
CA VAL F 127 -1.79 -61.67 -22.49
C VAL F 127 -2.11 -62.33 -23.81
N THR F 128 -2.42 -63.63 -23.77
CA THR F 128 -2.75 -64.40 -24.96
C THR F 128 -4.16 -64.96 -24.81
N VAL F 129 -5.01 -64.69 -25.78
CA VAL F 129 -6.38 -65.15 -25.72
C VAL F 129 -6.61 -66.32 -26.68
#